data_1MU9
#
_entry.id   1MU9
#
_cell.length_a   50.028
_cell.length_b   104.980
_cell.length_c   194.297
_cell.angle_alpha   90.00
_cell.angle_beta   90.00
_cell.angle_gamma   90.00
#
_symmetry.space_group_name_H-M   'P 21 21 21'
#
loop_
_entity.id
_entity.type
_entity.pdbx_description
1 polymer 'Tyrosyl-DNA Phosphodiesterase'
2 non-polymer 'VANADATE ION'
3 non-polymer GLYCEROL
4 water water
#
_entity_poly.entity_id   1
_entity_poly.type   'polypeptide(L)'
_entity_poly.pdbx_seq_one_letter_code
;MGSSHHHHHHSSGLVPRGSHMLEDPGEGQDIWDMLDKGNPFQFYLTRVSGVKPKYNSGALHIKDILSPLFGTLVSSAQFN
YCFDVDWLVKQYPPEFRKKPILLVHGDKREAKAHLHAQAKPYENISLCQAKLDIAFGTHHTKMMLLLYEEGLRVVIHTSN
LIHADWHQKTQGIWLSPLYPRIADGTHKSGESPTHFKANLISYLTAYNAPSLKEWIDVIHKHDLSETNVYLIGSTPGRFQ
GSQKDNWGHFRLKKLLKDHASSMPNAESWPVVGQFSSVGSLGADESKWLCSEFKESMLTLGKESKTPGKSSVPLYLIYPS
VENVRTSLEGYPAGGSLPYSIQTAEKQNWLHSYFHKWSAETSGRSNAMPHIKTYMRPSPDFSKIAWFLVTSANLSKAAWG
ALEKNGTQLMIRSYELGVLFLPSALGLDSFKVKQKFFAGSQEPMATFPVPYDLPPELYGSKDRPWIWNIPYVKAPDTHGN
MWVPS
;
_entity_poly.pdbx_strand_id   A,B
#
# COMPACT_ATOMS: atom_id res chain seq x y z
N ASN A 39 -22.39 -2.26 4.52
CA ASN A 39 -22.32 -1.55 3.26
C ASN A 39 -20.89 -1.07 3.12
N PRO A 40 -20.28 -1.35 1.98
CA PRO A 40 -18.84 -1.12 1.80
C PRO A 40 -18.51 0.36 1.69
N PHE A 41 -19.48 1.17 1.30
CA PHE A 41 -19.17 2.56 1.01
C PHE A 41 -19.19 3.49 2.20
N GLN A 42 -20.15 3.28 3.11
CA GLN A 42 -20.38 4.18 4.23
C GLN A 42 -20.48 5.63 3.77
N PHE A 43 -21.13 5.82 2.64
CA PHE A 43 -21.35 7.14 2.10
C PHE A 43 -22.81 7.52 2.37
N TYR A 44 -23.02 8.66 3.01
CA TYR A 44 -24.36 9.07 3.43
C TYR A 44 -24.66 10.53 3.08
N LEU A 45 -25.94 10.88 2.96
CA LEU A 45 -26.31 12.27 2.77
C LEU A 45 -26.84 12.76 4.10
N THR A 46 -26.81 14.07 4.34
CA THR A 46 -27.40 14.58 5.57
C THR A 46 -28.93 14.57 5.43
N ARG A 47 -29.59 14.65 6.58
CA ARG A 47 -31.05 14.74 6.61
C ARG A 47 -31.46 16.08 6.11
N VAL A 48 -32.53 16.06 5.34
CA VAL A 48 -33.14 17.26 4.86
C VAL A 48 -34.54 17.40 5.42
N SER A 49 -34.77 18.47 6.17
CA SER A 49 -36.12 18.75 6.67
C SER A 49 -37.08 19.11 5.56
N GLY A 50 -38.26 18.50 5.66
CA GLY A 50 -39.37 18.90 4.80
C GLY A 50 -39.50 18.07 3.55
N VAL A 51 -38.81 16.94 3.50
CA VAL A 51 -39.07 15.98 2.43
C VAL A 51 -39.66 14.75 3.08
N LYS A 52 -40.37 13.96 2.30
CA LYS A 52 -40.93 12.71 2.76
C LYS A 52 -39.90 11.85 3.47
N PRO A 53 -40.35 11.28 4.56
CA PRO A 53 -39.57 10.41 5.44
C PRO A 53 -38.74 9.34 4.72
N LYS A 54 -39.23 8.87 3.58
CA LYS A 54 -38.51 7.84 2.86
C LYS A 54 -37.17 8.38 2.36
N TYR A 55 -37.10 9.68 2.16
CA TYR A 55 -35.88 10.31 1.66
C TYR A 55 -34.85 10.58 2.75
N ASN A 56 -35.25 10.42 4.00
CA ASN A 56 -34.32 10.60 5.11
C ASN A 56 -34.01 9.29 5.82
N SER A 57 -34.54 8.19 5.34
CA SER A 57 -34.38 6.94 6.09
C SER A 57 -32.92 6.51 6.25
N GLY A 58 -32.17 6.55 5.17
CA GLY A 58 -30.76 6.27 5.26
C GLY A 58 -29.86 7.52 5.33
N ALA A 59 -30.39 8.65 5.79
CA ALA A 59 -29.59 9.86 5.88
C ALA A 59 -29.22 10.13 7.34
N LEU A 60 -28.20 10.94 7.58
CA LEU A 60 -27.75 11.20 8.93
C LEU A 60 -27.76 12.66 9.31
N HIS A 61 -28.15 12.96 10.55
CA HIS A 61 -28.00 14.32 11.06
C HIS A 61 -26.75 14.37 11.94
N ILE A 62 -26.18 15.55 12.16
CA ILE A 62 -25.00 15.62 13.00
C ILE A 62 -25.27 14.99 14.40
N LYS A 63 -26.50 15.11 14.89
CA LYS A 63 -26.85 14.52 16.18
C LYS A 63 -26.73 13.01 16.16
N ASP A 64 -27.07 12.39 15.02
CA ASP A 64 -26.89 10.96 14.86
C ASP A 64 -25.39 10.60 14.90
N ILE A 65 -24.60 11.38 14.18
CA ILE A 65 -23.16 11.12 14.10
C ILE A 65 -22.49 11.18 15.47
N LEU A 66 -22.95 12.10 16.31
CA LEU A 66 -22.37 12.29 17.64
C LEU A 66 -23.09 11.49 18.73
N SER A 67 -24.04 10.66 18.34
CA SER A 67 -24.83 9.88 19.31
C SER A 67 -24.02 8.88 20.14
N PRO A 68 -24.51 8.62 21.35
CA PRO A 68 -23.91 7.64 22.27
C PRO A 68 -23.90 6.26 21.65
N LEU A 69 -24.85 6.03 20.77
CA LEU A 69 -24.90 4.76 20.06
C LEU A 69 -23.63 4.55 19.21
N PHE A 70 -22.96 5.65 18.84
CA PHE A 70 -21.76 5.55 18.00
C PHE A 70 -20.52 5.25 18.82
N GLY A 71 -20.63 5.36 20.14
CA GLY A 71 -19.52 5.13 21.04
C GLY A 71 -19.51 6.09 22.23
N THR A 72 -18.67 5.80 23.23
CA THR A 72 -18.56 6.62 24.43
C THR A 72 -17.49 7.67 24.26
N LEU A 73 -17.91 8.88 23.94
CA LEU A 73 -16.99 9.94 23.61
C LEU A 73 -16.06 10.36 24.73
N VAL A 74 -14.81 10.55 24.37
CA VAL A 74 -13.79 11.00 25.29
C VAL A 74 -13.29 12.38 24.88
N SER A 75 -13.14 12.58 23.57
CA SER A 75 -12.61 13.81 23.03
C SER A 75 -12.87 13.89 21.53
N SER A 76 -12.85 15.10 20.96
CA SER A 76 -13.12 15.17 19.53
C SER A 76 -12.44 16.35 18.90
N ALA A 77 -12.23 16.30 17.59
CA ALA A 77 -11.68 17.46 16.87
C ALA A 77 -12.62 17.77 15.71
N GLN A 78 -12.92 19.06 15.54
CA GLN A 78 -13.80 19.49 14.49
C GLN A 78 -13.09 20.46 13.56
N PHE A 79 -12.72 19.95 12.39
CA PHE A 79 -12.08 20.72 11.35
C PHE A 79 -13.21 21.27 10.51
N ASN A 80 -13.18 22.57 10.26
CA ASN A 80 -14.17 23.13 9.38
C ASN A 80 -13.82 24.53 8.95
N TYR A 81 -14.76 25.18 8.27
CA TYR A 81 -14.60 26.53 7.77
C TYR A 81 -15.44 27.47 8.61
N CYS A 82 -16.77 27.29 8.61
CA CYS A 82 -17.63 28.13 9.43
C CYS A 82 -18.13 27.37 10.63
N PHE A 83 -18.17 28.07 11.76
CA PHE A 83 -18.62 27.47 13.01
C PHE A 83 -19.67 28.35 13.68
N ASP A 84 -20.67 27.71 14.27
CA ASP A 84 -21.58 28.37 15.17
C ASP A 84 -21.41 27.55 16.42
N VAL A 85 -20.57 28.04 17.32
CA VAL A 85 -20.21 27.26 18.49
C VAL A 85 -21.34 26.89 19.41
N ASP A 86 -22.23 27.85 19.73
CA ASP A 86 -23.35 27.51 20.58
C ASP A 86 -24.11 26.40 19.91
N TRP A 87 -24.35 26.55 18.62
CA TRP A 87 -25.08 25.50 17.90
C TRP A 87 -24.29 24.20 17.95
N LEU A 88 -23.00 24.26 17.66
CA LEU A 88 -22.24 23.02 17.61
C LEU A 88 -22.40 22.25 18.92
N VAL A 89 -22.24 22.96 20.04
CA VAL A 89 -22.27 22.32 21.34
C VAL A 89 -23.56 21.56 21.61
N LYS A 90 -24.68 22.10 21.13
CA LYS A 90 -25.97 21.46 21.36
C LYS A 90 -26.17 20.21 20.49
N GLN A 91 -25.35 20.06 19.45
CA GLN A 91 -25.47 18.86 18.66
C GLN A 91 -24.86 17.64 19.38
N TYR A 92 -23.94 17.89 20.31
CA TYR A 92 -23.38 16.81 21.10
C TYR A 92 -24.43 16.41 22.12
N PRO A 93 -24.50 15.14 22.50
CA PRO A 93 -25.47 14.73 23.51
C PRO A 93 -25.05 15.32 24.85
N PRO A 94 -26.05 15.64 25.68
CA PRO A 94 -25.83 16.27 26.99
C PRO A 94 -24.66 15.64 27.74
N GLU A 95 -24.64 14.30 27.81
CA GLU A 95 -23.59 13.60 28.52
C GLU A 95 -22.17 13.85 27.98
N PHE A 96 -22.07 14.18 26.70
CA PHE A 96 -20.76 14.39 26.08
C PHE A 96 -20.40 15.83 25.91
N ARG A 97 -21.30 16.73 26.27
CA ARG A 97 -21.09 18.15 26.00
C ARG A 97 -19.91 18.78 26.73
N LYS A 98 -19.38 18.11 27.74
CA LYS A 98 -18.28 18.72 28.48
C LYS A 98 -16.92 18.09 28.13
N LYS A 99 -16.94 17.07 27.28
CA LYS A 99 -15.71 16.44 26.82
C LYS A 99 -14.94 17.45 25.97
N PRO A 100 -13.62 17.34 25.95
CA PRO A 100 -12.80 18.29 25.21
C PRO A 100 -13.11 18.33 23.71
N ILE A 101 -13.06 19.52 23.13
CA ILE A 101 -13.31 19.69 21.71
C ILE A 101 -12.26 20.63 21.12
N LEU A 102 -11.65 20.21 20.03
CA LEU A 102 -10.73 21.07 19.31
C LEU A 102 -11.33 21.59 17.99
N LEU A 103 -11.38 22.90 17.85
CA LEU A 103 -11.88 23.49 16.65
C LEU A 103 -10.67 23.85 15.82
N VAL A 104 -10.57 23.28 14.61
CA VAL A 104 -9.49 23.64 13.71
C VAL A 104 -10.06 24.52 12.61
N HIS A 105 -9.54 25.74 12.51
CA HIS A 105 -10.07 26.73 11.61
C HIS A 105 -8.96 27.55 10.99
N GLY A 106 -9.35 28.43 10.07
CA GLY A 106 -8.39 29.29 9.38
C GLY A 106 -8.62 30.77 9.61
N ASP A 107 -9.49 31.09 10.56
CA ASP A 107 -9.82 32.50 10.83
C ASP A 107 -8.62 33.34 11.27
N LYS A 108 -8.68 34.58 10.81
CA LYS A 108 -7.65 35.54 11.12
C LYS A 108 -8.25 36.87 11.57
N ARG A 109 -7.39 37.63 12.25
CA ARG A 109 -7.74 38.96 12.71
C ARG A 109 -9.06 39.05 13.49
N GLU A 110 -10.02 39.80 12.98
CA GLU A 110 -11.25 40.00 13.75
C GLU A 110 -12.12 38.78 13.76
N ALA A 111 -12.03 38.00 12.68
CA ALA A 111 -12.90 36.85 12.54
C ALA A 111 -12.40 35.83 13.55
N LYS A 112 -11.08 35.77 13.67
CA LYS A 112 -10.51 34.93 14.69
C LYS A 112 -11.00 35.38 16.08
N ALA A 113 -10.90 36.68 16.36
CA ALA A 113 -11.34 37.16 17.65
C ALA A 113 -12.79 36.75 17.88
N HIS A 114 -13.60 36.86 16.85
CA HIS A 114 -14.98 36.48 17.05
C HIS A 114 -15.14 35.01 17.38
N LEU A 115 -14.39 34.15 16.71
CA LEU A 115 -14.51 32.73 16.98
C LEU A 115 -14.11 32.46 18.44
N HIS A 116 -13.02 33.08 18.88
CA HIS A 116 -12.57 32.90 20.27
C HIS A 116 -13.65 33.36 21.24
N ALA A 117 -14.32 34.44 20.86
CA ALA A 117 -15.43 34.95 21.65
C ALA A 117 -16.58 33.94 21.70
N GLN A 118 -16.92 33.33 20.55
CA GLN A 118 -17.98 32.33 20.57
C GLN A 118 -17.62 31.20 21.53
N ALA A 119 -16.34 30.84 21.56
CA ALA A 119 -15.90 29.68 22.33
C ALA A 119 -15.64 29.89 23.82
N LYS A 120 -15.23 31.11 24.18
CA LYS A 120 -14.93 31.47 25.58
C LYS A 120 -15.79 30.86 26.69
N PRO A 121 -17.10 30.85 26.52
CA PRO A 121 -18.02 30.27 27.52
C PRO A 121 -17.86 28.76 27.74
N TYR A 122 -17.31 28.05 26.76
CA TYR A 122 -17.19 26.60 26.84
C TYR A 122 -15.75 26.23 27.20
N GLU A 123 -15.49 26.04 28.49
CA GLU A 123 -14.15 25.73 29.00
C GLU A 123 -13.44 24.54 28.33
N ASN A 124 -14.22 23.59 27.85
CA ASN A 124 -13.68 22.38 27.24
C ASN A 124 -13.26 22.53 25.77
N ILE A 125 -13.45 23.73 25.22
CA ILE A 125 -13.17 23.93 23.82
C ILE A 125 -11.86 24.62 23.64
N SER A 126 -11.02 24.07 22.75
CA SER A 126 -9.77 24.72 22.39
C SER A 126 -9.81 25.00 20.89
N LEU A 127 -8.99 25.94 20.44
CA LEU A 127 -8.92 26.29 19.03
C LEU A 127 -7.53 26.07 18.44
N CYS A 128 -7.48 25.75 17.15
CA CYS A 128 -6.23 25.62 16.43
C CYS A 128 -6.35 26.42 15.16
N GLN A 129 -5.58 27.49 15.04
CA GLN A 129 -5.66 28.28 13.83
C GLN A 129 -4.71 27.69 12.80
N ALA A 130 -5.25 27.13 11.72
CA ALA A 130 -4.44 26.55 10.65
C ALA A 130 -3.71 27.67 9.95
N LYS A 131 -2.41 27.50 9.75
CA LYS A 131 -1.66 28.55 9.11
C LYS A 131 -2.09 28.64 7.67
N LEU A 132 -2.30 29.86 7.20
CA LEU A 132 -2.68 30.08 5.82
C LEU A 132 -1.71 31.08 5.22
N ASP A 133 -0.49 30.62 4.98
CA ASP A 133 0.59 31.47 4.51
C ASP A 133 0.58 31.87 3.05
N ILE A 134 -0.38 31.36 2.28
CA ILE A 134 -0.51 31.80 0.90
C ILE A 134 -1.79 32.60 0.84
N ALA A 135 -1.78 33.66 0.05
CA ALA A 135 -2.90 34.58 0.02
C ALA A 135 -4.17 33.94 -0.52
N PHE A 136 -5.31 34.35 0.02
CA PHE A 136 -6.63 33.92 -0.44
C PHE A 136 -6.93 32.45 -0.26
N GLY A 137 -6.19 31.80 0.61
CA GLY A 137 -6.48 30.42 0.92
C GLY A 137 -7.50 30.42 2.03
N THR A 138 -8.14 29.28 2.20
CA THR A 138 -9.07 29.10 3.30
C THR A 138 -8.78 27.74 3.88
N HIS A 139 -9.14 27.56 5.15
CA HIS A 139 -9.11 26.24 5.73
C HIS A 139 -10.52 25.67 5.48
N HIS A 140 -10.66 24.90 4.40
CA HIS A 140 -11.99 24.45 3.92
C HIS A 140 -12.38 23.00 4.22
N THR A 141 -11.44 22.21 4.73
CA THR A 141 -11.65 20.82 5.09
C THR A 141 -12.76 20.65 6.12
N LYS A 142 -13.65 19.67 5.92
CA LYS A 142 -14.64 19.32 6.91
C LYS A 142 -14.39 17.90 7.36
N MET A 143 -13.97 17.76 8.62
CA MET A 143 -13.64 16.47 9.16
C MET A 143 -13.87 16.44 10.66
N MET A 144 -14.31 15.29 11.15
CA MET A 144 -14.44 15.08 12.59
C MET A 144 -13.49 13.97 13.00
N LEU A 145 -12.75 14.17 14.10
CA LEU A 145 -11.99 13.06 14.65
C LEU A 145 -12.68 12.78 16.00
N LEU A 146 -13.21 11.57 16.17
CA LEU A 146 -13.95 11.23 17.36
C LEU A 146 -13.28 10.09 18.12
N LEU A 147 -12.70 10.42 19.26
CA LEU A 147 -12.04 9.42 20.08
C LEU A 147 -13.01 8.92 21.14
N TYR A 148 -13.21 7.61 21.18
CA TYR A 148 -14.10 6.96 22.12
C TYR A 148 -13.35 6.02 23.04
N GLU A 149 -14.07 5.54 24.06
CA GLU A 149 -13.55 4.54 24.96
C GLU A 149 -13.25 3.27 24.14
N GLU A 150 -14.10 3.03 23.15
CA GLU A 150 -14.05 1.80 22.36
C GLU A 150 -13.20 1.87 21.08
N GLY A 151 -12.71 3.05 20.73
CA GLY A 151 -11.93 3.19 19.53
C GLY A 151 -11.98 4.59 18.96
N LEU A 152 -11.75 4.71 17.64
CA LEU A 152 -11.64 5.98 16.96
C LEU A 152 -12.49 6.01 15.68
N ARG A 153 -13.12 7.15 15.43
CA ARG A 153 -13.87 7.32 14.19
C ARG A 153 -13.41 8.58 13.47
N VAL A 154 -13.27 8.49 12.15
CA VAL A 154 -12.94 9.65 11.36
C VAL A 154 -14.14 9.90 10.47
N VAL A 155 -14.55 11.16 10.38
CA VAL A 155 -15.67 11.52 9.53
C VAL A 155 -15.20 12.59 8.56
N ILE A 156 -15.38 12.37 7.28
CA ILE A 156 -14.98 13.39 6.33
C ILE A 156 -16.25 13.75 5.57
N HIS A 157 -16.58 15.04 5.55
CA HIS A 157 -17.90 15.41 5.06
C HIS A 157 -17.88 16.78 4.36
N THR A 158 -19.05 17.37 4.10
CA THR A 158 -19.06 18.59 3.28
C THR A 158 -19.74 19.79 3.95
N SER A 159 -20.23 19.58 5.17
CA SER A 159 -21.06 20.59 5.84
C SER A 159 -20.33 21.53 6.80
N ASN A 160 -20.63 22.82 6.76
CA ASN A 160 -20.09 23.74 7.75
C ASN A 160 -20.82 23.46 9.05
N LEU A 161 -20.22 23.85 10.17
CA LEU A 161 -20.83 23.58 11.45
C LEU A 161 -21.79 24.69 11.86
N ILE A 162 -22.87 24.83 11.09
CA ILE A 162 -23.92 25.79 11.35
C ILE A 162 -25.25 25.14 10.97
N HIS A 163 -26.33 25.61 11.61
CA HIS A 163 -27.64 25.00 11.45
C HIS A 163 -28.08 24.85 10.01
N ALA A 164 -27.89 25.91 9.23
CA ALA A 164 -28.39 25.91 7.87
C ALA A 164 -27.73 24.89 6.97
N ASP A 165 -26.51 24.48 7.29
CA ASP A 165 -25.86 23.51 6.41
C ASP A 165 -26.42 22.13 6.58
N TRP A 166 -27.16 21.92 7.66
CA TRP A 166 -27.65 20.59 7.97
C TRP A 166 -29.16 20.55 7.94
N HIS A 167 -29.74 21.62 7.44
CA HIS A 167 -31.20 21.76 7.41
C HIS A 167 -31.85 21.34 6.08
N GLN A 168 -31.61 22.08 4.99
CA GLN A 168 -32.26 21.75 3.72
C GLN A 168 -31.30 21.72 2.52
N LYS A 169 -30.06 21.35 2.79
CA LYS A 169 -29.09 21.25 1.71
C LYS A 169 -28.74 19.78 1.46
N THR A 170 -28.25 19.47 0.25
CA THR A 170 -27.74 18.14 -0.03
C THR A 170 -26.28 18.20 0.33
N GLN A 171 -25.87 17.39 1.30
CA GLN A 171 -24.47 17.36 1.73
C GLN A 171 -24.05 15.88 1.79
N GLY A 172 -22.74 15.61 1.77
CA GLY A 172 -22.23 14.25 1.84
C GLY A 172 -21.38 13.94 3.05
N ILE A 173 -21.43 12.67 3.46
CA ILE A 173 -20.69 12.21 4.61
C ILE A 173 -20.05 10.88 4.32
N TRP A 174 -18.76 10.75 4.66
CA TRP A 174 -18.13 9.43 4.65
C TRP A 174 -17.83 9.09 6.10
N LEU A 175 -18.28 7.92 6.58
CA LEU A 175 -18.00 7.49 7.93
C LEU A 175 -17.00 6.35 7.98
N SER A 176 -15.86 6.53 8.66
CA SER A 176 -14.91 5.43 8.84
C SER A 176 -15.55 4.32 9.68
N PRO A 177 -14.94 3.13 9.70
CA PRO A 177 -15.35 2.09 10.65
C PRO A 177 -14.90 2.51 12.04
N LEU A 178 -15.36 1.85 13.09
CA LEU A 178 -14.82 2.10 14.43
C LEU A 178 -13.44 1.44 14.44
N TYR A 179 -12.41 2.25 14.47
CA TYR A 179 -11.07 1.73 14.50
C TYR A 179 -10.73 1.34 15.96
N PRO A 180 -10.35 0.09 16.18
CA PRO A 180 -9.94 -0.34 17.52
C PRO A 180 -8.55 0.16 17.84
N ARG A 181 -8.27 0.25 19.12
CA ARG A 181 -6.95 0.66 19.55
C ARG A 181 -6.02 -0.54 19.41
N ILE A 182 -4.78 -0.28 19.05
CA ILE A 182 -3.82 -1.38 18.93
C ILE A 182 -3.36 -1.90 20.29
N ALA A 183 -3.59 -3.15 20.47
CA ALA A 183 -3.18 -3.89 21.65
C ALA A 183 -1.78 -3.65 22.14
N ASP A 184 -1.72 -3.05 23.27
CA ASP A 184 -0.66 -2.79 24.24
C ASP A 184 0.52 -3.68 24.25
N GLY A 185 0.43 -4.91 23.74
CA GLY A 185 1.56 -5.66 23.34
C GLY A 185 1.66 -6.30 22.01
N THR A 186 1.41 -5.63 20.88
CA THR A 186 1.65 -6.12 19.56
C THR A 186 2.52 -5.31 18.67
N HIS A 187 2.90 -5.78 17.55
CA HIS A 187 3.73 -4.98 16.69
C HIS A 187 3.03 -4.85 15.36
N LYS A 188 2.18 -3.85 15.22
CA LYS A 188 1.49 -3.67 13.96
C LYS A 188 1.38 -2.23 13.47
N SER A 189 1.36 -2.07 12.15
CA SER A 189 1.30 -0.75 11.58
C SER A 189 -0.10 -0.15 11.71
N GLY A 190 -1.11 -1.02 11.75
CA GLY A 190 -2.49 -0.59 11.71
C GLY A 190 -2.80 0.10 10.39
N GLU A 191 -2.04 -0.21 9.33
CA GLU A 191 -2.20 0.46 8.04
C GLU A 191 -3.13 -0.30 7.12
N SER A 192 -3.82 0.39 6.22
CA SER A 192 -4.68 -0.28 5.24
C SER A 192 -3.96 -0.34 3.91
N PRO A 193 -4.44 -1.19 3.02
CA PRO A 193 -3.91 -1.28 1.65
C PRO A 193 -4.03 0.02 0.92
N THR A 194 -4.97 0.90 1.28
CA THR A 194 -5.03 2.22 0.64
C THR A 194 -4.07 3.23 1.27
N HIS A 195 -3.35 2.83 2.32
CA HIS A 195 -2.42 3.71 3.05
C HIS A 195 -3.09 4.92 3.71
N PHE A 196 -4.34 4.75 4.06
CA PHE A 196 -5.11 5.81 4.64
C PHE A 196 -4.48 6.34 5.92
N LYS A 197 -3.98 5.46 6.77
CA LYS A 197 -3.42 5.86 8.06
C LYS A 197 -2.23 6.82 7.89
N ALA A 198 -1.21 6.38 7.15
CA ALA A 198 -0.07 7.25 6.87
C ALA A 198 -0.49 8.52 6.14
N ASN A 199 -1.39 8.39 5.17
CA ASN A 199 -1.87 9.56 4.43
C ASN A 199 -2.55 10.61 5.34
N LEU A 200 -3.39 10.16 6.28
CA LEU A 200 -4.07 11.08 7.19
C LEU A 200 -3.06 11.77 8.12
N ILE A 201 -2.12 11.00 8.64
CA ILE A 201 -1.06 11.57 9.44
C ILE A 201 -0.28 12.63 8.67
N SER A 202 0.10 12.32 7.43
CA SER A 202 0.83 13.30 6.66
C SER A 202 -0.04 14.55 6.56
N TYR A 203 -1.33 14.35 6.29
CA TYR A 203 -2.21 15.51 6.17
C TYR A 203 -2.17 16.34 7.47
N LEU A 204 -2.31 15.70 8.62
CA LEU A 204 -2.28 16.47 9.86
C LEU A 204 -0.89 17.10 10.08
N THR A 205 0.15 16.37 9.69
CA THR A 205 1.51 16.83 9.90
C THR A 205 1.77 18.15 9.20
N ALA A 206 1.15 18.35 8.05
CA ALA A 206 1.38 19.58 7.32
C ALA A 206 0.90 20.84 8.05
N TYR A 207 0.02 20.70 9.03
CA TYR A 207 -0.46 21.88 9.76
C TYR A 207 0.65 22.38 10.68
N ASN A 208 1.50 21.45 11.10
CA ASN A 208 2.53 21.78 12.07
C ASN A 208 2.00 22.48 13.28
N ALA A 209 0.97 21.89 13.89
CA ALA A 209 0.28 22.48 15.03
C ALA A 209 0.36 21.57 16.23
N PRO A 210 0.71 22.13 17.39
CA PRO A 210 0.88 21.34 18.60
C PRO A 210 -0.38 20.56 18.96
N SER A 211 -1.55 21.15 18.76
CA SER A 211 -2.79 20.47 19.15
C SER A 211 -3.07 19.27 18.26
N LEU A 212 -2.54 19.29 17.05
CA LEU A 212 -2.80 18.17 16.16
C LEU A 212 -1.82 17.02 16.41
N LYS A 213 -0.63 17.34 16.96
CA LYS A 213 0.36 16.30 17.25
C LYS A 213 -0.31 15.28 18.15
N GLU A 214 -1.11 15.77 19.09
CA GLU A 214 -1.87 14.90 19.99
C GLU A 214 -2.82 13.99 19.21
N TRP A 215 -3.44 14.53 18.17
CA TRP A 215 -4.33 13.71 17.35
C TRP A 215 -3.52 12.72 16.49
N ILE A 216 -2.38 13.16 15.97
CA ILE A 216 -1.48 12.25 15.24
C ILE A 216 -1.10 11.05 16.14
N ASP A 217 -0.69 11.35 17.36
CA ASP A 217 -0.35 10.30 18.30
C ASP A 217 -1.51 9.35 18.56
N VAL A 218 -2.72 9.91 18.63
CA VAL A 218 -3.89 9.07 18.83
C VAL A 218 -4.04 8.17 17.59
N ILE A 219 -3.89 8.75 16.41
CA ILE A 219 -4.07 7.93 15.21
C ILE A 219 -3.06 6.77 15.20
N HIS A 220 -1.82 7.07 15.54
CA HIS A 220 -0.76 6.05 15.59
C HIS A 220 -1.17 4.88 16.41
N LYS A 221 -1.94 5.16 17.47
CA LYS A 221 -2.34 4.12 18.39
C LYS A 221 -3.46 3.24 17.91
N HIS A 222 -4.12 3.62 16.82
CA HIS A 222 -5.25 2.84 16.36
C HIS A 222 -5.00 2.01 15.11
N ASP A 223 -5.86 1.04 14.89
CA ASP A 223 -5.80 0.14 13.74
C ASP A 223 -6.77 0.60 12.67
N LEU A 224 -6.26 1.28 11.66
CA LEU A 224 -7.12 1.73 10.57
C LEU A 224 -7.03 0.79 9.33
N SER A 225 -6.65 -0.47 9.55
CA SER A 225 -6.41 -1.38 8.41
C SER A 225 -7.67 -1.73 7.62
N GLU A 226 -8.84 -1.62 8.22
CA GLU A 226 -10.05 -1.93 7.48
C GLU A 226 -10.46 -0.82 6.47
N THR A 227 -9.74 0.29 6.46
CA THR A 227 -10.11 1.41 5.58
C THR A 227 -10.03 1.07 4.10
N ASN A 228 -11.13 1.29 3.38
CA ASN A 228 -11.16 0.93 1.95
C ASN A 228 -11.27 2.13 0.98
N VAL A 229 -11.01 3.33 1.47
CA VAL A 229 -11.04 4.50 0.59
C VAL A 229 -9.67 5.12 0.58
N TYR A 230 -9.40 5.94 -0.43
CA TYR A 230 -8.14 6.68 -0.49
C TYR A 230 -8.34 8.15 -0.02
N LEU A 231 -7.42 8.66 0.77
CA LEU A 231 -7.51 10.04 1.21
C LEU A 231 -6.99 10.97 0.12
N ILE A 232 -7.77 12.00 -0.22
CA ILE A 232 -7.28 13.05 -1.11
C ILE A 232 -7.32 14.40 -0.43
N GLY A 233 -6.17 14.93 -0.09
CA GLY A 233 -6.11 16.22 0.57
C GLY A 233 -5.41 17.31 -0.22
N SER A 234 -5.71 18.53 0.17
CA SER A 234 -5.03 19.70 -0.37
C SER A 234 -4.46 20.41 0.83
N THR A 235 -3.27 20.96 0.71
CA THR A 235 -2.70 21.70 1.80
C THR A 235 -1.93 22.85 1.16
N PRO A 236 -1.85 23.99 1.84
CA PRO A 236 -1.27 25.17 1.20
C PRO A 236 0.21 24.94 0.98
N GLY A 237 0.71 25.33 -0.18
CA GLY A 237 2.13 25.18 -0.41
C GLY A 237 2.48 25.25 -1.87
N ARG A 238 3.77 25.07 -2.13
CA ARG A 238 4.32 24.99 -3.47
C ARG A 238 5.10 23.70 -3.47
N PHE A 239 4.59 22.73 -4.22
CA PHE A 239 5.10 21.36 -4.18
C PHE A 239 5.83 21.01 -5.46
N GLN A 240 7.06 20.53 -5.29
CA GLN A 240 7.93 20.27 -6.42
C GLN A 240 8.38 18.86 -6.39
N GLY A 241 8.87 18.42 -7.53
CA GLY A 241 9.44 17.10 -7.60
C GLY A 241 8.34 16.12 -7.31
N SER A 242 8.65 15.16 -6.45
CA SER A 242 7.69 14.11 -6.17
C SER A 242 6.63 14.64 -5.22
N GLN A 243 6.92 15.75 -4.56
CA GLN A 243 5.96 16.32 -3.64
C GLN A 243 4.71 16.77 -4.36
N LYS A 244 4.82 16.96 -5.67
CA LYS A 244 3.67 17.30 -6.47
C LYS A 244 2.57 16.25 -6.41
N ASP A 245 2.93 14.99 -6.19
CA ASP A 245 1.93 13.95 -6.20
C ASP A 245 1.18 13.81 -4.89
N ASN A 246 1.62 14.53 -3.87
CA ASN A 246 1.05 14.43 -2.53
C ASN A 246 -0.35 15.05 -2.35
N TRP A 247 -0.64 16.08 -3.14
CA TRP A 247 -1.84 16.90 -2.92
C TRP A 247 -2.58 17.32 -4.17
N GLY A 248 -3.80 17.79 -3.94
CA GLY A 248 -4.64 18.30 -4.99
C GLY A 248 -4.89 17.39 -6.18
N HIS A 249 -5.03 17.99 -7.36
CA HIS A 249 -5.43 17.17 -8.48
C HIS A 249 -4.35 16.20 -8.96
N PHE A 250 -3.10 16.49 -8.63
CA PHE A 250 -2.00 15.56 -8.96
C PHE A 250 -2.09 14.34 -8.07
N ARG A 251 -2.50 14.53 -6.82
CA ARG A 251 -2.69 13.40 -5.95
C ARG A 251 -3.76 12.48 -6.57
N LEU A 252 -4.83 13.09 -7.07
CA LEU A 252 -5.88 12.30 -7.68
C LEU A 252 -5.30 11.59 -8.90
N LYS A 253 -4.60 12.36 -9.72
CA LYS A 253 -4.00 11.82 -10.92
C LYS A 253 -3.14 10.61 -10.58
N LYS A 254 -2.31 10.75 -9.58
CA LYS A 254 -1.40 9.68 -9.17
C LYS A 254 -2.16 8.42 -8.73
N LEU A 255 -3.26 8.59 -8.00
CA LEU A 255 -4.01 7.41 -7.58
C LEU A 255 -4.74 6.74 -8.75
N LEU A 256 -5.25 7.53 -9.70
CA LEU A 256 -5.94 6.96 -10.85
C LEU A 256 -4.96 6.18 -11.76
N LYS A 257 -3.73 6.66 -11.85
CA LYS A 257 -2.70 5.98 -12.63
C LYS A 257 -2.31 4.65 -11.98
N ASP A 258 -2.14 4.64 -10.65
CA ASP A 258 -1.70 3.43 -9.93
C ASP A 258 -2.76 2.38 -9.60
N HIS A 259 -4.00 2.79 -9.38
CA HIS A 259 -4.99 1.86 -8.84
C HIS A 259 -6.28 1.75 -9.62
N ALA A 260 -6.24 2.23 -10.83
CA ALA A 260 -7.37 2.08 -11.70
C ALA A 260 -6.76 1.63 -13.01
N SER A 261 -7.58 1.20 -13.95
CA SER A 261 -7.03 0.81 -15.24
C SER A 261 -7.92 1.27 -16.36
N SER A 262 -7.34 1.46 -17.55
CA SER A 262 -8.10 1.89 -18.71
C SER A 262 -9.00 0.77 -19.20
N MET A 263 -9.98 1.14 -20.02
CA MET A 263 -10.89 0.15 -20.62
C MET A 263 -11.08 0.51 -22.09
N SER A 268 -14.17 7.39 -24.03
CA SER A 268 -15.45 8.17 -24.08
C SER A 268 -16.31 8.02 -22.80
N TRP A 269 -15.64 7.69 -21.70
CA TRP A 269 -16.28 7.72 -20.37
C TRP A 269 -16.13 9.17 -19.95
N PRO A 270 -17.23 9.86 -19.77
CA PRO A 270 -17.17 11.28 -19.38
C PRO A 270 -16.66 11.43 -17.94
N VAL A 271 -16.35 12.67 -17.59
CA VAL A 271 -15.98 13.08 -16.24
C VAL A 271 -17.11 13.99 -15.76
N VAL A 272 -17.59 13.75 -14.55
CA VAL A 272 -18.62 14.59 -13.98
C VAL A 272 -18.03 15.30 -12.76
N GLY A 273 -18.22 16.62 -12.69
CA GLY A 273 -17.72 17.44 -11.60
C GLY A 273 -18.91 18.21 -11.07
N GLN A 274 -19.09 18.22 -9.75
CA GLN A 274 -20.30 18.75 -9.14
C GLN A 274 -19.88 19.46 -7.87
N PHE A 275 -20.28 20.73 -7.73
CA PHE A 275 -19.70 21.58 -6.67
C PHE A 275 -20.64 22.72 -6.33
N SER A 276 -20.27 23.51 -5.32
CA SER A 276 -21.13 24.61 -4.89
C SER A 276 -20.46 25.99 -4.99
N SER A 277 -19.23 26.02 -5.47
CA SER A 277 -18.52 27.27 -5.68
C SER A 277 -17.63 27.17 -6.90
N VAL A 278 -17.34 28.32 -7.52
CA VAL A 278 -16.54 28.36 -8.73
C VAL A 278 -15.51 29.46 -8.61
N GLY A 279 -14.22 29.12 -8.76
CA GLY A 279 -13.14 30.11 -8.75
C GLY A 279 -12.90 30.72 -10.13
N SER A 280 -11.88 31.58 -10.23
CA SER A 280 -11.53 32.17 -11.53
C SER A 280 -10.59 31.20 -12.23
N LEU A 281 -11.07 30.59 -13.30
CA LEU A 281 -10.31 29.54 -13.95
C LEU A 281 -9.48 29.97 -15.16
N GLY A 282 -9.64 31.22 -15.60
CA GLY A 282 -8.87 31.74 -16.72
C GLY A 282 -9.67 32.20 -17.92
N ALA A 283 -9.00 32.95 -18.80
CA ALA A 283 -9.58 33.59 -19.99
C ALA A 283 -10.20 32.61 -20.97
N ASP A 284 -9.74 31.38 -20.90
CA ASP A 284 -10.31 30.31 -21.68
C ASP A 284 -9.94 29.03 -20.98
N GLU A 285 -10.45 27.94 -21.47
CA GLU A 285 -10.35 26.67 -20.78
C GLU A 285 -9.02 25.96 -20.87
N SER A 286 -8.31 26.18 -21.97
CA SER A 286 -6.99 25.61 -22.08
C SER A 286 -6.11 26.13 -20.94
N LYS A 287 -6.48 27.24 -20.31
CA LYS A 287 -5.61 27.76 -19.25
C LYS A 287 -5.51 26.86 -18.00
N TRP A 288 -6.57 26.13 -17.67
CA TRP A 288 -6.52 25.27 -16.46
C TRP A 288 -7.54 24.14 -16.46
N LEU A 289 -8.80 24.46 -16.75
CA LEU A 289 -9.87 23.49 -16.69
C LEU A 289 -9.58 22.24 -17.51
N CYS A 290 -9.39 22.43 -18.81
CA CYS A 290 -9.15 21.31 -19.71
C CYS A 290 -7.69 20.87 -19.70
N SER A 291 -6.78 21.78 -19.40
CA SER A 291 -5.37 21.44 -19.44
C SER A 291 -4.93 20.57 -18.26
N GLU A 292 -4.80 21.12 -17.06
CA GLU A 292 -4.37 20.25 -15.97
C GLU A 292 -5.51 19.54 -15.23
N PHE A 293 -6.59 20.26 -14.97
CA PHE A 293 -7.68 19.69 -14.20
C PHE A 293 -8.32 18.50 -14.88
N LYS A 294 -8.79 18.69 -16.11
CA LYS A 294 -9.43 17.58 -16.82
C LYS A 294 -8.45 16.45 -17.05
N GLU A 295 -7.20 16.80 -17.35
CA GLU A 295 -6.16 15.83 -17.62
C GLU A 295 -6.02 14.89 -16.45
N SER A 296 -5.94 15.47 -15.26
CA SER A 296 -5.80 14.63 -14.08
C SER A 296 -7.01 13.73 -13.97
N MET A 297 -8.20 14.32 -14.10
CA MET A 297 -9.45 13.56 -13.93
C MET A 297 -9.73 12.47 -14.95
N LEU A 298 -9.16 12.59 -16.15
CA LEU A 298 -9.40 11.57 -17.18
C LEU A 298 -8.39 10.45 -17.10
N THR A 299 -7.41 10.62 -16.22
CA THR A 299 -6.40 9.60 -16.04
C THR A 299 -7.02 8.29 -15.57
N LEU A 300 -6.49 7.19 -16.12
CA LEU A 300 -6.86 5.83 -15.76
C LEU A 300 -5.70 4.95 -16.16
N GLY A 301 -5.12 4.25 -15.19
CA GLY A 301 -4.04 3.31 -15.47
C GLY A 301 -2.77 3.91 -16.05
N VAL A 312 -12.82 13.64 -24.61
CA VAL A 312 -13.55 13.22 -23.37
C VAL A 312 -14.43 14.36 -22.90
N PRO A 313 -15.72 14.06 -22.76
CA PRO A 313 -16.72 15.04 -22.37
C PRO A 313 -16.62 15.37 -20.88
N LEU A 314 -16.68 16.66 -20.55
CA LEU A 314 -16.60 17.10 -19.18
C LEU A 314 -17.96 17.68 -18.88
N TYR A 315 -18.62 17.15 -17.87
CA TYR A 315 -19.92 17.68 -17.48
C TYR A 315 -19.83 18.30 -16.07
N LEU A 316 -20.19 19.58 -15.95
CA LEU A 316 -20.17 20.24 -14.64
C LEU A 316 -21.58 20.54 -14.13
N ILE A 317 -21.85 20.17 -12.89
CA ILE A 317 -23.18 20.39 -12.32
C ILE A 317 -23.10 21.50 -11.28
N TYR A 318 -23.87 22.57 -11.49
CA TYR A 318 -23.87 23.73 -10.64
C TYR A 318 -25.25 24.36 -10.77
N PRO A 319 -25.92 24.67 -9.66
CA PRO A 319 -27.30 25.16 -9.72
C PRO A 319 -27.47 26.43 -10.56
N SER A 320 -28.55 26.44 -11.34
CA SER A 320 -28.93 27.60 -12.12
C SER A 320 -29.73 28.52 -11.17
N VAL A 321 -30.04 29.70 -11.66
CA VAL A 321 -30.79 30.67 -10.89
C VAL A 321 -32.13 30.07 -10.58
N GLU A 322 -32.71 29.43 -11.58
CA GLU A 322 -34.01 28.84 -11.40
C GLU A 322 -34.00 27.71 -10.33
N ASN A 323 -32.92 26.93 -10.32
CA ASN A 323 -32.80 25.85 -9.33
C ASN A 323 -32.83 26.49 -7.90
N VAL A 324 -32.10 27.58 -7.73
CA VAL A 324 -32.02 28.23 -6.43
C VAL A 324 -33.36 28.87 -6.09
N ARG A 325 -33.92 29.56 -7.08
CA ARG A 325 -35.20 30.27 -6.88
C ARG A 325 -36.29 29.34 -6.34
N THR A 326 -36.39 28.14 -6.92
CA THR A 326 -37.46 27.25 -6.52
C THR A 326 -37.09 26.23 -5.45
N SER A 327 -35.92 26.38 -4.85
CA SER A 327 -35.45 25.44 -3.82
C SER A 327 -36.29 25.51 -2.55
N LEU A 328 -36.00 24.62 -1.61
CA LEU A 328 -36.66 24.62 -0.32
C LEU A 328 -36.36 25.91 0.42
N GLU A 329 -35.17 26.46 0.18
CA GLU A 329 -34.75 27.67 0.87
C GLU A 329 -35.13 28.95 0.13
N GLY A 330 -35.30 28.83 -1.18
CA GLY A 330 -35.46 29.99 -2.02
C GLY A 330 -34.07 30.58 -2.21
N TYR A 331 -34.04 31.85 -2.63
CA TYR A 331 -32.80 32.57 -2.89
C TYR A 331 -31.71 32.51 -1.79
N PRO A 332 -32.08 32.53 -0.51
CA PRO A 332 -31.06 32.44 0.53
C PRO A 332 -30.16 31.18 0.39
N ALA A 333 -30.57 30.20 -0.39
CA ALA A 333 -29.69 29.06 -0.64
C ALA A 333 -28.44 29.61 -1.34
N GLY A 334 -28.65 30.67 -2.11
CA GLY A 334 -27.60 31.27 -2.89
C GLY A 334 -26.51 31.85 -2.02
N GLY A 335 -26.80 32.03 -0.72
CA GLY A 335 -25.78 32.54 0.20
C GLY A 335 -24.66 31.53 0.42
N SER A 336 -24.92 30.26 0.07
CA SER A 336 -23.94 29.21 0.22
C SER A 336 -23.42 28.72 -1.15
N LEU A 337 -23.72 29.48 -2.19
CA LEU A 337 -23.22 29.14 -3.52
C LEU A 337 -22.41 30.33 -4.02
N PRO A 338 -21.23 30.55 -3.49
CA PRO A 338 -20.55 31.78 -3.87
C PRO A 338 -20.05 31.66 -5.30
N TYR A 339 -20.33 32.66 -6.08
CA TYR A 339 -19.81 32.75 -7.43
C TYR A 339 -20.08 34.21 -7.70
N SER A 340 -19.01 35.02 -7.70
CA SER A 340 -19.13 36.46 -7.88
C SER A 340 -19.31 36.83 -9.35
N ILE A 341 -20.09 37.87 -9.59
CA ILE A 341 -20.24 38.39 -10.95
C ILE A 341 -18.85 38.80 -11.44
N GLN A 342 -18.04 39.33 -10.53
CA GLN A 342 -16.68 39.71 -10.90
C GLN A 342 -15.98 38.56 -11.65
N THR A 343 -15.91 37.41 -11.01
CA THR A 343 -15.25 36.26 -11.60
C THR A 343 -16.02 35.71 -12.81
N ALA A 344 -17.33 35.54 -12.67
CA ALA A 344 -18.12 34.98 -13.77
C ALA A 344 -17.98 35.75 -15.08
N GLU A 345 -17.99 37.08 -15.02
CA GLU A 345 -17.98 37.82 -16.27
C GLU A 345 -16.67 37.63 -17.03
N LYS A 346 -15.63 37.20 -16.35
CA LYS A 346 -14.35 37.00 -17.00
C LYS A 346 -14.24 35.63 -17.64
N GLN A 347 -15.28 34.81 -17.52
CA GLN A 347 -15.16 33.43 -17.99
C GLN A 347 -16.49 32.84 -18.45
N ASN A 348 -17.24 33.63 -19.20
CA ASN A 348 -18.51 33.14 -19.69
C ASN A 348 -18.35 31.85 -20.50
N TRP A 349 -17.14 31.58 -20.97
CA TRP A 349 -16.89 30.35 -21.71
C TRP A 349 -17.24 29.11 -20.88
N LEU A 350 -17.00 29.17 -19.58
CA LEU A 350 -17.24 28.03 -18.67
C LEU A 350 -18.67 27.58 -18.67
N HIS A 351 -19.58 28.53 -18.75
CA HIS A 351 -20.98 28.18 -18.55
C HIS A 351 -21.59 27.26 -19.58
N SER A 352 -20.92 27.06 -20.71
CA SER A 352 -21.49 26.11 -21.65
C SER A 352 -21.27 24.68 -21.13
N TYR A 353 -20.48 24.55 -20.07
CA TYR A 353 -20.30 23.21 -19.51
C TYR A 353 -21.29 22.92 -18.42
N PHE A 354 -22.18 23.86 -18.12
CA PHE A 354 -22.96 23.72 -16.92
C PHE A 354 -24.24 22.93 -17.09
N HIS A 355 -24.55 22.17 -16.06
CA HIS A 355 -25.72 21.34 -16.05
C HIS A 355 -26.47 21.59 -14.76
N LYS A 356 -27.79 21.48 -14.84
CA LYS A 356 -28.70 21.73 -13.74
C LYS A 356 -28.58 20.75 -12.60
N TRP A 357 -29.02 21.20 -11.43
CA TRP A 357 -29.02 20.35 -10.28
C TRP A 357 -30.33 19.61 -10.30
N SER A 358 -30.25 18.29 -10.30
CA SER A 358 -31.42 17.44 -10.31
C SER A 358 -31.13 16.21 -9.49
N ALA A 359 -32.01 15.92 -8.53
CA ALA A 359 -31.76 14.81 -7.61
C ALA A 359 -33.01 14.03 -7.22
N GLU A 360 -33.82 13.75 -8.24
CA GLU A 360 -35.05 12.98 -8.10
C GLU A 360 -34.69 11.64 -7.45
N THR A 361 -33.58 11.05 -7.88
CA THR A 361 -33.13 9.80 -7.26
C THR A 361 -33.07 9.86 -5.73
N SER A 362 -32.71 11.00 -5.14
CA SER A 362 -32.63 11.06 -3.69
C SER A 362 -33.68 12.01 -3.06
N GLY A 363 -34.62 12.47 -3.88
CA GLY A 363 -35.70 13.35 -3.42
C GLY A 363 -35.17 14.72 -3.01
N ARG A 364 -34.12 15.16 -3.68
CA ARG A 364 -33.38 16.36 -3.24
C ARG A 364 -33.17 17.36 -4.37
N SER A 365 -34.06 17.37 -5.35
CA SER A 365 -33.87 18.34 -6.40
C SER A 365 -34.05 19.75 -5.85
N ASN A 366 -34.81 19.86 -4.76
CA ASN A 366 -35.06 21.17 -4.14
C ASN A 366 -34.16 21.48 -2.93
N ALA A 367 -33.27 20.55 -2.61
CA ALA A 367 -32.30 20.73 -1.54
C ALA A 367 -30.97 21.12 -2.18
N MET A 368 -30.64 22.41 -2.18
CA MET A 368 -29.46 22.86 -2.93
C MET A 368 -28.15 22.18 -2.47
N PRO A 369 -27.28 21.87 -3.42
CA PRO A 369 -26.03 21.16 -3.15
C PRO A 369 -24.92 21.98 -2.49
N HIS A 370 -24.34 21.43 -1.43
CA HIS A 370 -23.17 21.99 -0.82
C HIS A 370 -22.19 20.83 -0.74
N ILE A 371 -22.66 19.66 -1.13
CA ILE A 371 -21.78 18.53 -1.31
C ILE A 371 -20.94 18.83 -2.58
N LYS A 372 -19.76 18.23 -2.68
CA LYS A 372 -18.97 18.31 -3.91
C LYS A 372 -18.57 16.89 -4.27
N THR A 373 -18.76 16.52 -5.54
CA THR A 373 -18.42 15.18 -5.99
C THR A 373 -17.81 15.22 -7.40
N TYR A 374 -16.94 14.26 -7.66
CA TYR A 374 -16.31 14.11 -8.97
C TYR A 374 -16.35 12.63 -9.29
N MET A 375 -16.60 12.27 -10.55
CA MET A 375 -16.70 10.83 -10.88
C MET A 375 -16.57 10.54 -12.38
N ARG A 376 -16.43 9.27 -12.72
CA ARG A 376 -16.15 8.87 -14.08
C ARG A 376 -17.12 7.80 -14.55
N PRO A 377 -18.29 8.22 -15.01
CA PRO A 377 -19.31 7.26 -15.42
C PRO A 377 -19.03 6.70 -16.81
N SER A 378 -19.59 5.55 -17.12
CA SER A 378 -19.48 4.97 -18.45
C SER A 378 -20.39 5.77 -19.42
N PRO A 379 -20.18 5.57 -20.73
CA PRO A 379 -20.95 6.30 -21.76
C PRO A 379 -22.46 6.30 -21.54
N ASP A 380 -23.03 5.24 -20.98
CA ASP A 380 -24.46 5.25 -20.73
C ASP A 380 -24.81 5.55 -19.26
N PHE A 381 -23.81 5.97 -18.48
CA PHE A 381 -24.01 6.31 -17.07
C PHE A 381 -24.52 5.16 -16.20
N SER A 382 -24.39 3.91 -16.65
CA SER A 382 -24.86 2.81 -15.84
C SER A 382 -23.81 2.37 -14.84
N LYS A 383 -22.56 2.71 -15.08
CA LYS A 383 -21.54 2.33 -14.10
C LYS A 383 -20.52 3.44 -13.95
N ILE A 384 -19.64 3.33 -12.95
CA ILE A 384 -18.61 4.35 -12.76
C ILE A 384 -17.25 3.71 -12.49
N ALA A 385 -16.18 4.37 -12.94
CA ALA A 385 -14.84 3.87 -12.70
C ALA A 385 -14.34 4.27 -11.33
N TRP A 386 -14.91 5.35 -10.78
CA TRP A 386 -14.54 5.81 -9.44
C TRP A 386 -15.45 6.95 -9.03
N PHE A 387 -15.37 7.32 -7.75
CA PHE A 387 -16.22 8.37 -7.23
C PHE A 387 -15.45 9.02 -6.08
N LEU A 388 -15.54 10.34 -6.00
CA LEU A 388 -14.85 11.12 -4.99
C LEU A 388 -15.83 12.08 -4.34
N VAL A 389 -15.89 12.09 -3.01
CA VAL A 389 -16.64 13.08 -2.29
C VAL A 389 -15.60 13.95 -1.59
N THR A 390 -15.74 15.26 -1.62
CA THR A 390 -14.68 16.08 -1.04
C THR A 390 -15.22 17.45 -0.71
N SER A 391 -14.41 18.26 -0.05
CA SER A 391 -14.78 19.64 0.25
C SER A 391 -14.32 20.59 -0.87
N ALA A 392 -13.57 20.05 -1.83
CA ALA A 392 -12.98 20.89 -2.88
C ALA A 392 -13.98 21.30 -3.98
N ASN A 393 -14.18 22.61 -4.11
CA ASN A 393 -15.02 23.17 -5.17
C ASN A 393 -14.21 23.32 -6.45
N LEU A 394 -14.80 23.96 -7.44
CA LEU A 394 -14.11 24.13 -8.71
C LEU A 394 -13.25 25.36 -8.69
N SER A 395 -12.06 25.24 -8.11
CA SER A 395 -11.14 26.37 -8.11
C SER A 395 -9.68 25.94 -8.07
N LYS A 396 -8.82 26.83 -8.54
CA LYS A 396 -7.40 26.54 -8.54
C LYS A 396 -6.95 26.53 -7.10
N ALA A 397 -7.56 27.40 -6.30
CA ALA A 397 -7.23 27.49 -4.87
C ALA A 397 -7.32 26.13 -4.16
N ALA A 398 -8.38 25.41 -4.46
CA ALA A 398 -8.69 24.12 -3.86
C ALA A 398 -7.91 22.97 -4.49
N TRP A 399 -7.75 23.00 -5.82
CA TRP A 399 -7.19 21.85 -6.52
C TRP A 399 -5.72 21.96 -6.87
N GLY A 400 -5.20 23.18 -6.94
CA GLY A 400 -3.81 23.37 -7.27
C GLY A 400 -3.64 23.84 -8.69
N ALA A 401 -2.57 24.60 -8.92
CA ALA A 401 -2.30 25.17 -10.24
C ALA A 401 -0.81 25.11 -10.50
N LEU A 402 -0.43 24.61 -11.66
CA LEU A 402 0.98 24.47 -11.97
C LEU A 402 1.68 25.80 -12.10
N GLU A 403 2.89 25.88 -11.58
CA GLU A 403 3.73 27.07 -11.68
C GLU A 403 5.15 26.70 -12.14
N LYS A 404 5.89 27.71 -12.58
CA LYS A 404 7.27 27.56 -13.06
C LYS A 404 7.39 26.42 -14.07
N ASN A 405 6.78 26.61 -15.22
CA ASN A 405 6.80 25.63 -16.28
C ASN A 405 6.50 24.22 -15.80
N GLY A 406 5.37 24.06 -15.12
CA GLY A 406 4.92 22.74 -14.68
C GLY A 406 5.82 21.99 -13.72
N THR A 407 6.66 22.68 -12.97
CA THR A 407 7.54 21.98 -12.06
C THR A 407 7.04 22.12 -10.64
N GLN A 408 6.09 23.03 -10.46
CA GLN A 408 5.63 23.38 -9.14
C GLN A 408 4.11 23.49 -9.11
N LEU A 409 3.49 22.80 -8.16
CA LEU A 409 2.05 22.84 -8.00
C LEU A 409 1.70 23.78 -6.86
N MET A 410 0.96 24.83 -7.15
CA MET A 410 0.61 25.75 -6.08
C MET A 410 -0.84 25.57 -5.57
N ILE A 411 -0.96 25.33 -4.27
CA ILE A 411 -2.26 25.19 -3.61
C ILE A 411 -2.39 26.22 -2.49
N ARG A 412 -3.53 26.90 -2.44
CA ARG A 412 -3.77 27.94 -1.43
C ARG A 412 -4.51 27.45 -0.21
N SER A 413 -5.23 26.34 -0.32
CA SER A 413 -6.15 25.95 0.75
C SER A 413 -6.02 24.52 1.30
N TYR A 414 -6.68 24.30 2.41
CA TYR A 414 -6.83 22.98 2.99
C TYR A 414 -8.16 22.48 2.43
N GLU A 415 -8.15 21.26 1.90
CA GLU A 415 -9.33 20.56 1.41
C GLU A 415 -9.10 19.06 1.69
N LEU A 416 -10.17 18.27 1.74
CA LEU A 416 -10.01 16.86 2.06
C LEU A 416 -11.18 16.06 1.50
N GLY A 417 -10.87 14.94 0.86
CA GLY A 417 -11.91 14.06 0.33
C GLY A 417 -11.53 12.60 0.38
N VAL A 418 -12.49 11.73 0.09
CA VAL A 418 -12.18 10.30 0.02
C VAL A 418 -12.58 9.81 -1.37
N LEU A 419 -11.68 8.98 -1.93
CA LEU A 419 -11.87 8.46 -3.27
C LEU A 419 -12.29 7.00 -3.15
N PHE A 420 -13.37 6.61 -3.85
CA PHE A 420 -13.82 5.22 -3.86
C PHE A 420 -13.36 4.61 -5.18
N LEU A 421 -12.53 3.58 -5.08
CA LEU A 421 -11.98 2.88 -6.24
C LEU A 421 -12.40 1.43 -6.20
N PRO A 422 -12.98 0.94 -7.30
CA PRO A 422 -13.39 -0.47 -7.38
C PRO A 422 -12.26 -1.43 -7.01
N SER A 423 -11.02 -1.10 -7.37
CA SER A 423 -9.93 -2.00 -7.03
C SER A 423 -9.79 -2.20 -5.51
N ALA A 424 -10.20 -1.20 -4.73
CA ALA A 424 -10.06 -1.33 -3.29
C ALA A 424 -11.08 -2.34 -2.76
N LEU A 425 -12.12 -2.61 -3.54
CA LEU A 425 -13.12 -3.61 -3.18
C LEU A 425 -12.93 -4.89 -3.99
N GLY A 426 -11.91 -4.92 -4.83
CA GLY A 426 -11.67 -6.10 -5.64
C GLY A 426 -12.51 -6.10 -6.89
N LEU A 427 -13.07 -4.95 -7.24
CA LEU A 427 -13.91 -4.80 -8.44
C LEU A 427 -13.24 -4.01 -9.54
N ASP A 428 -13.88 -4.00 -10.71
CA ASP A 428 -13.36 -3.21 -11.82
C ASP A 428 -14.21 -1.96 -12.03
N SER A 429 -15.42 -1.97 -11.50
CA SER A 429 -16.31 -0.83 -11.65
C SER A 429 -17.43 -0.99 -10.65
N PHE A 430 -18.16 0.09 -10.43
CA PHE A 430 -19.30 0.00 -9.56
C PHE A 430 -20.50 0.23 -10.47
N LYS A 431 -21.55 -0.53 -10.23
CA LYS A 431 -22.80 -0.25 -10.90
C LYS A 431 -23.41 0.92 -10.14
N VAL A 432 -24.10 1.78 -10.88
CA VAL A 432 -24.75 2.93 -10.29
C VAL A 432 -26.05 2.49 -9.68
N LYS A 433 -26.26 2.90 -8.45
CA LYS A 433 -27.51 2.61 -7.78
C LYS A 433 -28.56 3.57 -8.33
N GLN A 434 -29.45 3.01 -9.14
CA GLN A 434 -30.50 3.74 -9.85
C GLN A 434 -31.41 4.63 -8.99
N LYS A 435 -31.89 4.08 -7.88
CA LYS A 435 -32.75 4.80 -6.95
C LYS A 435 -32.09 4.69 -5.57
N PHE A 436 -31.40 5.77 -5.22
CA PHE A 436 -30.63 5.96 -3.99
C PHE A 436 -31.17 5.30 -2.72
N ALA A 445 -22.45 -3.47 -3.74
CA ALA A 445 -21.70 -3.42 -5.05
C ALA A 445 -22.11 -2.24 -5.94
N THR A 446 -23.20 -1.57 -5.58
CA THR A 446 -23.67 -0.48 -6.41
C THR A 446 -23.53 0.81 -5.63
N PHE A 447 -22.96 1.80 -6.31
CA PHE A 447 -22.64 3.04 -5.64
C PHE A 447 -23.82 3.99 -5.63
N PRO A 448 -24.13 4.54 -4.46
CA PRO A 448 -25.25 5.48 -4.29
C PRO A 448 -24.97 6.90 -4.82
N VAL A 449 -25.08 7.09 -6.13
CA VAL A 449 -24.91 8.42 -6.69
C VAL A 449 -26.11 9.27 -6.32
N PRO A 450 -25.89 10.35 -5.58
CA PRO A 450 -27.00 11.13 -5.02
C PRO A 450 -27.78 12.07 -5.96
N TYR A 451 -27.30 12.30 -7.18
CA TYR A 451 -28.05 13.11 -8.13
C TYR A 451 -28.34 12.28 -9.39
N ASP A 452 -29.24 12.82 -10.21
CA ASP A 452 -29.73 12.12 -11.38
C ASP A 452 -28.72 12.07 -12.54
N LEU A 453 -28.78 11.00 -13.30
CA LEU A 453 -27.94 10.88 -14.48
C LEU A 453 -28.86 10.46 -15.62
N PRO A 454 -28.55 10.86 -16.84
CA PRO A 454 -27.39 11.70 -17.14
C PRO A 454 -27.65 13.13 -16.69
N PRO A 455 -26.60 13.92 -16.54
CA PRO A 455 -26.79 15.33 -16.16
C PRO A 455 -27.61 16.04 -17.26
N GLU A 456 -28.43 16.99 -16.86
CA GLU A 456 -29.25 17.73 -17.80
C GLU A 456 -28.60 19.09 -18.03
N LEU A 457 -28.40 19.44 -19.29
CA LEU A 457 -27.79 20.71 -19.67
C LEU A 457 -28.67 21.92 -19.33
N TYR A 458 -28.07 23.07 -19.05
CA TYR A 458 -28.83 24.31 -18.87
C TYR A 458 -29.64 24.62 -20.15
N GLY A 459 -30.89 25.05 -19.97
CA GLY A 459 -31.71 25.51 -21.07
C GLY A 459 -31.15 26.84 -21.57
N SER A 460 -31.65 27.32 -22.72
CA SER A 460 -31.13 28.55 -23.31
C SER A 460 -31.36 29.76 -22.40
N LYS A 461 -32.43 29.71 -21.61
CA LYS A 461 -32.77 30.80 -20.69
C LYS A 461 -32.09 30.71 -19.32
N ASP A 462 -31.37 29.61 -19.06
CA ASP A 462 -30.74 29.42 -17.74
C ASP A 462 -29.47 30.23 -17.55
N ARG A 463 -29.20 30.53 -16.29
CA ARG A 463 -27.97 31.21 -15.92
C ARG A 463 -27.47 30.54 -14.66
N PRO A 464 -26.17 30.52 -14.52
CA PRO A 464 -25.54 29.96 -13.33
C PRO A 464 -25.92 30.86 -12.17
N TRP A 465 -26.17 30.29 -10.99
CA TRP A 465 -26.43 31.13 -9.86
C TRP A 465 -25.22 31.99 -9.59
N ILE A 466 -25.43 33.31 -9.53
CA ILE A 466 -24.38 34.27 -9.19
C ILE A 466 -24.88 35.03 -7.97
N TRP A 467 -24.11 34.95 -6.89
CA TRP A 467 -24.63 35.37 -5.62
C TRP A 467 -24.66 36.85 -5.30
N ASN A 468 -23.84 37.66 -5.99
CA ASN A 468 -23.82 39.06 -5.62
C ASN A 468 -24.47 40.01 -6.59
N ILE A 469 -25.50 39.52 -7.28
CA ILE A 469 -26.34 40.33 -8.12
C ILE A 469 -27.78 40.04 -7.70
N PRO A 470 -28.68 40.99 -7.97
CA PRO A 470 -30.06 40.88 -7.52
C PRO A 470 -30.90 40.06 -8.45
N TYR A 471 -31.93 39.45 -7.90
CA TYR A 471 -32.89 38.73 -8.69
C TYR A 471 -34.18 39.27 -8.14
N VAL A 472 -34.83 40.12 -8.94
CA VAL A 472 -36.04 40.84 -8.52
C VAL A 472 -37.21 40.76 -9.49
N LYS A 473 -37.15 39.88 -10.48
CA LYS A 473 -38.24 39.82 -11.45
C LYS A 473 -39.17 38.70 -11.09
N ALA A 474 -38.64 37.67 -10.41
CA ALA A 474 -39.48 36.55 -9.97
C ALA A 474 -39.19 36.23 -8.52
N PRO A 475 -40.25 36.09 -7.74
CA PRO A 475 -40.11 35.81 -6.33
C PRO A 475 -39.73 34.35 -6.18
N ASP A 476 -39.15 33.98 -5.05
CA ASP A 476 -38.76 32.61 -4.85
C ASP A 476 -39.85 31.87 -4.15
N THR A 477 -39.49 30.70 -3.63
CA THR A 477 -40.38 29.81 -2.90
C THR A 477 -41.09 30.54 -1.78
N HIS A 478 -40.42 31.46 -1.10
CA HIS A 478 -41.06 32.09 0.03
C HIS A 478 -41.65 33.48 -0.32
N GLY A 479 -41.77 33.75 -1.61
CA GLY A 479 -42.34 35.00 -2.08
C GLY A 479 -41.39 36.20 -1.97
N ASN A 480 -40.10 35.92 -1.80
CA ASN A 480 -39.11 36.96 -1.61
C ASN A 480 -38.25 37.19 -2.86
N MET A 481 -37.59 38.34 -2.89
CA MET A 481 -36.66 38.68 -3.93
C MET A 481 -35.28 38.60 -3.26
N TRP A 482 -34.23 38.67 -4.06
CA TRP A 482 -32.88 38.60 -3.57
C TRP A 482 -32.22 39.90 -3.96
N VAL A 483 -31.78 40.65 -2.96
CA VAL A 483 -31.13 41.90 -3.26
C VAL A 483 -29.93 42.01 -2.36
N PRO A 484 -28.80 41.58 -2.88
CA PRO A 484 -27.57 41.59 -2.11
C PRO A 484 -27.21 43.05 -1.93
N SER A 485 -26.55 43.41 -0.84
CA SER A 485 -26.21 44.82 -0.66
C SER A 485 -26.64 45.24 0.74
N ASP B 36 5.34 -20.10 16.41
CA ASP B 36 5.47 -19.14 17.51
C ASP B 36 4.29 -18.16 17.44
N LYS B 37 3.32 -18.40 18.33
CA LYS B 37 1.98 -17.77 18.38
C LYS B 37 1.80 -16.25 18.51
N GLY B 38 2.52 -15.45 17.74
CA GLY B 38 2.31 -14.02 17.85
C GLY B 38 3.59 -13.34 17.48
N ASN B 39 4.56 -14.15 17.08
CA ASN B 39 5.82 -13.66 16.58
C ASN B 39 5.47 -12.98 15.30
N PRO B 40 5.88 -11.73 15.16
CA PRO B 40 5.55 -10.99 13.95
C PRO B 40 6.37 -11.50 12.77
N PHE B 41 7.49 -12.15 13.02
CA PHE B 41 8.38 -12.48 11.89
C PHE B 41 8.04 -13.78 11.16
N GLN B 42 7.71 -14.83 11.92
CA GLN B 42 7.44 -16.13 11.29
C GLN B 42 8.61 -16.53 10.37
N PHE B 43 9.81 -16.28 10.83
CA PHE B 43 11.00 -16.65 10.10
C PHE B 43 11.61 -17.85 10.82
N TYR B 44 11.80 -18.98 10.14
CA TYR B 44 12.33 -20.17 10.81
C TYR B 44 13.53 -20.74 10.05
N LEU B 45 14.33 -21.55 10.74
CA LEU B 45 15.43 -22.29 10.12
C LEU B 45 14.95 -23.71 10.06
N THR B 46 15.48 -24.48 9.12
CA THR B 46 15.13 -25.90 9.06
C THR B 46 15.90 -26.61 10.14
N ARG B 47 15.40 -27.80 10.43
CA ARG B 47 15.97 -28.67 11.44
C ARG B 47 17.30 -29.20 10.90
N VAL B 48 18.29 -29.32 11.79
CA VAL B 48 19.59 -29.87 11.44
C VAL B 48 19.94 -31.14 12.24
N SER B 49 20.19 -32.24 11.55
CA SER B 49 20.52 -33.47 12.27
C SER B 49 21.89 -33.39 12.88
N GLY B 50 21.94 -33.57 14.19
CA GLY B 50 23.24 -33.64 14.84
C GLY B 50 23.51 -32.49 15.76
N VAL B 51 22.68 -31.46 15.71
CA VAL B 51 22.89 -30.37 16.66
C VAL B 51 22.09 -30.70 17.93
N LYS B 52 22.43 -30.04 19.02
CA LYS B 52 21.68 -30.25 20.25
C LYS B 52 20.24 -29.83 20.07
N PRO B 53 19.38 -30.59 20.71
CA PRO B 53 17.93 -30.37 20.69
C PRO B 53 17.55 -28.91 20.91
N LYS B 54 18.28 -28.18 21.73
CA LYS B 54 17.90 -26.79 21.96
C LYS B 54 18.04 -25.95 20.68
N TYR B 55 18.82 -26.43 19.71
CA TYR B 55 18.99 -25.71 18.44
C TYR B 55 17.98 -26.15 17.39
N ASN B 56 17.17 -27.16 17.71
CA ASN B 56 16.12 -27.63 16.82
C ASN B 56 14.72 -27.37 17.36
N SER B 57 14.66 -26.82 18.58
CA SER B 57 13.35 -26.66 19.19
C SER B 57 12.36 -25.74 18.42
N GLY B 58 12.78 -24.57 17.96
CA GLY B 58 11.84 -23.77 17.19
C GLY B 58 12.20 -23.81 15.72
N ALA B 59 12.75 -24.93 15.25
CA ALA B 59 13.12 -25.07 13.84
C ALA B 59 12.11 -25.97 13.20
N LEU B 60 12.03 -25.97 11.87
CA LEU B 60 11.03 -26.82 11.20
C LEU B 60 11.61 -27.72 10.13
N HIS B 61 11.14 -28.96 10.13
CA HIS B 61 11.47 -29.87 9.05
C HIS B 61 10.30 -29.81 8.05
N ILE B 62 10.50 -30.23 6.81
CA ILE B 62 9.43 -30.22 5.85
C ILE B 62 8.24 -31.07 6.32
N LYS B 63 8.52 -32.17 7.03
CA LYS B 63 7.42 -32.94 7.57
C LYS B 63 6.53 -32.15 8.50
N ASP B 64 7.10 -31.21 9.28
CA ASP B 64 6.31 -30.38 10.18
C ASP B 64 5.44 -29.41 9.39
N ILE B 65 6.01 -28.86 8.33
CA ILE B 65 5.30 -27.84 7.56
C ILE B 65 4.05 -28.45 6.92
N LEU B 66 4.17 -29.70 6.47
CA LEU B 66 3.10 -30.41 5.78
C LEU B 66 2.16 -31.18 6.74
N SER B 67 2.41 -31.06 8.04
CA SER B 67 1.62 -31.83 9.01
C SER B 67 0.16 -31.36 9.09
N PRO B 68 -0.74 -32.27 9.44
CA PRO B 68 -2.16 -31.93 9.56
C PRO B 68 -2.35 -30.79 10.55
N LEU B 69 -1.41 -30.60 11.46
CA LEU B 69 -1.58 -29.51 12.40
C LEU B 69 -1.54 -28.14 11.72
N PHE B 70 -0.96 -28.07 10.53
CA PHE B 70 -0.90 -26.78 9.84
C PHE B 70 -2.16 -26.53 9.08
N GLY B 71 -2.94 -27.59 8.86
CA GLY B 71 -4.18 -27.44 8.13
C GLY B 71 -4.51 -28.71 7.39
N THR B 72 -5.76 -28.83 6.95
CA THR B 72 -6.19 -30.03 6.24
C THR B 72 -5.95 -29.85 4.76
N LEU B 73 -4.87 -30.44 4.27
CA LEU B 73 -4.49 -30.24 2.89
C LEU B 73 -5.51 -30.68 1.84
N VAL B 74 -5.83 -29.78 0.92
CA VAL B 74 -6.65 -30.10 -0.22
C VAL B 74 -5.83 -30.24 -1.49
N SER B 75 -4.82 -29.37 -1.67
CA SER B 75 -3.93 -29.46 -2.84
C SER B 75 -2.75 -28.59 -2.58
N SER B 76 -1.69 -28.75 -3.37
CA SER B 76 -0.52 -27.92 -3.12
C SER B 76 0.28 -27.70 -4.38
N ALA B 77 1.08 -26.65 -4.38
CA ALA B 77 1.99 -26.39 -5.48
C ALA B 77 3.36 -26.25 -4.87
N GLN B 78 4.34 -26.93 -5.47
CA GLN B 78 5.72 -26.90 -5.00
C GLN B 78 6.59 -26.29 -6.08
N PHE B 79 7.02 -25.04 -5.84
CA PHE B 79 7.89 -24.33 -6.79
C PHE B 79 9.29 -24.63 -6.30
N ASN B 80 10.15 -25.09 -7.17
CA ASN B 80 11.50 -25.32 -6.73
C ASN B 80 12.44 -25.48 -7.92
N TYR B 81 13.70 -25.73 -7.61
CA TYR B 81 14.73 -25.91 -8.63
C TYR B 81 15.04 -27.41 -8.78
N CYS B 82 15.52 -28.07 -7.73
CA CYS B 82 15.74 -29.51 -7.77
C CYS B 82 14.70 -30.25 -6.97
N PHE B 83 14.32 -31.42 -7.47
CA PHE B 83 13.27 -32.24 -6.85
C PHE B 83 13.70 -33.70 -6.83
N ASP B 84 13.34 -34.38 -5.76
CA ASP B 84 13.49 -35.83 -5.68
C ASP B 84 12.05 -36.20 -5.37
N VAL B 85 11.34 -36.64 -6.41
CA VAL B 85 9.90 -36.90 -6.29
C VAL B 85 9.52 -38.00 -5.27
N ASP B 86 10.21 -39.14 -5.31
CA ASP B 86 9.97 -40.19 -4.32
C ASP B 86 10.12 -39.64 -2.89
N TRP B 87 11.19 -38.92 -2.62
CA TRP B 87 11.40 -38.32 -1.30
C TRP B 87 10.31 -37.31 -0.97
N LEU B 88 10.00 -36.47 -1.94
CA LEU B 88 9.03 -35.41 -1.68
C LEU B 88 7.67 -35.98 -1.23
N VAL B 89 7.14 -36.93 -1.99
CA VAL B 89 5.85 -37.52 -1.60
C VAL B 89 5.88 -38.10 -0.20
N LYS B 90 7.02 -38.65 0.20
CA LYS B 90 7.16 -39.25 1.53
C LYS B 90 7.13 -38.18 2.63
N GLN B 91 7.42 -36.92 2.29
CA GLN B 91 7.35 -35.86 3.31
C GLN B 91 5.89 -35.43 3.62
N TYR B 92 4.95 -35.75 2.73
CA TYR B 92 3.57 -35.41 3.01
C TYR B 92 3.02 -36.48 3.94
N PRO B 93 2.13 -36.11 4.85
CA PRO B 93 1.54 -37.10 5.75
C PRO B 93 0.78 -38.12 4.91
N PRO B 94 0.77 -39.38 5.35
CA PRO B 94 0.13 -40.48 4.62
C PRO B 94 -1.27 -40.14 4.15
N GLU B 95 -2.05 -39.51 5.00
CA GLU B 95 -3.42 -39.21 4.64
C GLU B 95 -3.49 -38.11 3.57
N PHE B 96 -2.41 -37.38 3.35
CA PHE B 96 -2.47 -36.34 2.33
C PHE B 96 -1.73 -36.70 1.07
N ARG B 97 -1.11 -37.87 1.05
CA ARG B 97 -0.25 -38.25 -0.05
C ARG B 97 -0.86 -38.36 -1.45
N LYS B 98 -2.17 -38.45 -1.55
CA LYS B 98 -2.79 -38.57 -2.86
C LYS B 98 -3.51 -37.30 -3.29
N LYS B 99 -3.48 -36.26 -2.45
CA LYS B 99 -4.03 -34.98 -2.85
C LYS B 99 -3.17 -34.45 -4.01
N PRO B 100 -3.77 -33.65 -4.89
CA PRO B 100 -3.04 -33.13 -6.04
C PRO B 100 -1.82 -32.27 -5.64
N ILE B 101 -0.74 -32.48 -6.38
CA ILE B 101 0.49 -31.72 -6.20
C ILE B 101 0.94 -31.23 -7.56
N LEU B 102 1.27 -29.95 -7.65
CA LEU B 102 1.82 -29.39 -8.87
C LEU B 102 3.31 -29.05 -8.64
N LEU B 103 4.18 -29.56 -9.51
CA LEU B 103 5.60 -29.25 -9.36
C LEU B 103 5.90 -28.18 -10.41
N VAL B 104 6.39 -27.02 -9.97
CA VAL B 104 6.71 -25.94 -10.88
C VAL B 104 8.23 -25.91 -10.93
N HIS B 105 8.77 -26.19 -12.12
CA HIS B 105 10.22 -26.38 -12.28
C HIS B 105 10.66 -25.69 -13.55
N GLY B 106 11.96 -25.71 -13.84
CA GLY B 106 12.37 -25.08 -15.07
C GLY B 106 13.17 -26.02 -15.97
N ASP B 107 13.07 -27.32 -15.72
CA ASP B 107 13.88 -28.30 -16.45
C ASP B 107 13.53 -28.44 -17.92
N LYS B 108 14.57 -28.65 -18.72
CA LYS B 108 14.38 -28.81 -20.15
C LYS B 108 14.91 -30.14 -20.64
N ARG B 109 14.39 -30.54 -21.78
CA ARG B 109 14.76 -31.79 -22.46
C ARG B 109 15.05 -32.97 -21.60
N GLU B 110 16.30 -33.38 -21.55
CA GLU B 110 16.57 -34.63 -20.83
C GLU B 110 16.26 -34.53 -19.36
N ALA B 111 16.66 -33.43 -18.73
CA ALA B 111 16.35 -33.20 -17.32
C ALA B 111 14.82 -33.18 -17.16
N LYS B 112 14.13 -32.53 -18.09
CA LYS B 112 12.69 -32.52 -18.02
C LYS B 112 12.12 -33.95 -18.11
N ALA B 113 12.64 -34.72 -19.06
CA ALA B 113 12.19 -36.10 -19.24
C ALA B 113 12.44 -36.88 -17.96
N HIS B 114 13.56 -36.65 -17.31
CA HIS B 114 13.82 -37.37 -16.08
C HIS B 114 12.83 -36.98 -15.01
N LEU B 115 12.48 -35.69 -14.94
CA LEU B 115 11.55 -35.25 -13.91
C LEU B 115 10.21 -35.89 -14.15
N HIS B 116 9.78 -35.91 -15.39
CA HIS B 116 8.51 -36.53 -15.73
C HIS B 116 8.53 -38.03 -15.36
N ALA B 117 9.65 -38.72 -15.64
CA ALA B 117 9.72 -40.14 -15.28
C ALA B 117 9.65 -40.33 -13.76
N GLN B 118 10.21 -39.39 -12.99
CA GLN B 118 10.10 -39.50 -11.52
C GLN B 118 8.62 -39.38 -11.08
N ALA B 119 7.89 -38.48 -11.69
CA ALA B 119 6.53 -38.21 -11.25
C ALA B 119 5.52 -39.22 -11.75
N LYS B 120 5.83 -39.89 -12.86
CA LYS B 120 4.86 -40.80 -13.49
C LYS B 120 4.06 -41.79 -12.63
N PRO B 121 4.73 -42.45 -11.69
CA PRO B 121 4.06 -43.41 -10.83
C PRO B 121 3.02 -42.77 -9.92
N TYR B 122 3.08 -41.45 -9.73
CA TYR B 122 2.13 -40.76 -8.86
C TYR B 122 1.12 -40.02 -9.67
N GLU B 123 -0.03 -40.64 -9.86
CA GLU B 123 -1.12 -40.07 -10.66
C GLU B 123 -1.62 -38.67 -10.23
N ASN B 124 -1.41 -38.31 -8.96
CA ASN B 124 -1.87 -37.01 -8.45
C ASN B 124 -0.86 -35.87 -8.70
N ILE B 125 0.28 -36.17 -9.29
CA ILE B 125 1.23 -35.13 -9.52
C ILE B 125 1.15 -34.57 -10.93
N SER B 126 1.06 -33.25 -11.02
CA SER B 126 1.09 -32.58 -12.30
C SER B 126 2.36 -31.76 -12.32
N LEU B 127 2.81 -31.41 -13.52
CA LEU B 127 4.04 -30.63 -13.70
C LEU B 127 3.80 -29.37 -14.51
N CYS B 128 4.50 -28.29 -14.12
CA CYS B 128 4.47 -27.03 -14.85
C CYS B 128 5.91 -26.63 -15.14
N GLN B 129 6.27 -26.59 -16.42
CA GLN B 129 7.59 -26.16 -16.88
C GLN B 129 7.57 -24.62 -17.05
N ALA B 130 8.24 -23.92 -16.15
CA ALA B 130 8.30 -22.48 -16.21
C ALA B 130 9.12 -22.12 -17.42
N LYS B 131 8.66 -21.16 -18.19
CA LYS B 131 9.37 -20.77 -19.37
C LYS B 131 10.64 -19.99 -19.00
N LEU B 132 11.75 -20.35 -19.67
CA LEU B 132 13.05 -19.73 -19.44
C LEU B 132 13.59 -19.32 -20.82
N ASP B 133 13.12 -18.18 -21.30
CA ASP B 133 13.44 -17.80 -22.67
C ASP B 133 14.70 -16.96 -22.80
N ILE B 134 15.35 -16.73 -21.66
CA ILE B 134 16.63 -16.07 -21.69
C ILE B 134 17.66 -17.10 -21.32
N ALA B 135 18.79 -17.10 -22.03
CA ALA B 135 19.87 -18.06 -21.82
C ALA B 135 20.45 -18.07 -20.41
N PHE B 136 20.77 -19.27 -19.94
CA PHE B 136 21.42 -19.45 -18.64
C PHE B 136 20.55 -19.02 -17.45
N GLY B 137 19.25 -18.94 -17.64
CA GLY B 137 18.36 -18.62 -16.53
C GLY B 137 17.96 -19.91 -15.85
N THR B 138 17.53 -19.83 -14.59
CA THR B 138 16.96 -21.02 -13.96
C THR B 138 15.68 -20.71 -13.21
N HIS B 139 14.88 -21.72 -12.96
CA HIS B 139 13.71 -21.49 -12.14
C HIS B 139 14.16 -21.80 -10.73
N HIS B 140 14.62 -20.79 -10.03
CA HIS B 140 15.26 -21.00 -8.72
C HIS B 140 14.41 -20.73 -7.44
N THR B 141 13.27 -20.06 -7.62
CA THR B 141 12.26 -19.84 -6.56
C THR B 141 11.88 -21.10 -5.75
N LYS B 142 11.86 -21.00 -4.42
CA LYS B 142 11.41 -22.08 -3.54
C LYS B 142 10.15 -21.63 -2.78
N MET B 143 9.00 -22.16 -3.16
CA MET B 143 7.76 -21.71 -2.54
C MET B 143 6.78 -22.86 -2.52
N MET B 144 6.01 -22.93 -1.44
CA MET B 144 4.90 -23.91 -1.38
C MET B 144 3.62 -23.12 -1.33
N LEU B 145 2.64 -23.48 -2.15
CA LEU B 145 1.32 -22.88 -2.03
C LEU B 145 0.50 -24.06 -1.41
N LEU B 146 -0.09 -23.85 -0.24
CA LEU B 146 -0.78 -24.96 0.46
C LEU B 146 -2.25 -24.59 0.66
N LEU B 147 -3.11 -25.22 -0.12
CA LEU B 147 -4.55 -24.98 -0.01
C LEU B 147 -5.15 -26.00 0.97
N TYR B 148 -5.82 -25.50 1.99
CA TYR B 148 -6.45 -26.34 3.00
C TYR B 148 -7.97 -26.16 3.03
N GLU B 149 -8.61 -26.96 3.87
CA GLU B 149 -10.06 -26.86 4.05
C GLU B 149 -10.32 -25.54 4.74
N GLU B 150 -9.40 -25.21 5.63
CA GLU B 150 -9.53 -24.08 6.53
C GLU B 150 -9.03 -22.79 5.91
N GLY B 151 -8.35 -22.90 4.79
CA GLY B 151 -7.84 -21.71 4.14
C GLY B 151 -6.60 -21.93 3.26
N LEU B 152 -5.71 -20.95 3.24
CA LEU B 152 -4.54 -21.08 2.37
C LEU B 152 -3.27 -20.62 3.08
N ARG B 153 -2.14 -21.28 2.81
CA ARG B 153 -0.86 -20.81 3.36
C ARG B 153 0.19 -20.67 2.23
N VAL B 154 1.09 -19.68 2.34
CA VAL B 154 2.20 -19.53 1.40
C VAL B 154 3.47 -19.65 2.20
N VAL B 155 4.38 -20.49 1.73
CA VAL B 155 5.64 -20.71 2.41
C VAL B 155 6.73 -20.32 1.39
N ILE B 156 7.58 -19.36 1.72
CA ILE B 156 8.70 -18.99 0.85
C ILE B 156 9.96 -19.37 1.59
N HIS B 157 10.80 -20.16 0.95
CA HIS B 157 11.96 -20.67 1.66
C HIS B 157 13.21 -20.79 0.76
N THR B 158 14.23 -21.51 1.21
CA THR B 158 15.48 -21.58 0.45
C THR B 158 15.96 -23.01 0.09
N SER B 159 15.20 -24.05 0.43
CA SER B 159 15.66 -25.45 0.25
C SER B 159 15.16 -26.14 -1.01
N ASN B 160 16.03 -26.89 -1.71
CA ASN B 160 15.56 -27.75 -2.80
C ASN B 160 14.72 -28.87 -2.20
N LEU B 161 13.91 -29.56 -3.01
CA LEU B 161 13.12 -30.61 -2.44
C LEU B 161 13.88 -31.92 -2.59
N ILE B 162 15.04 -32.00 -1.89
CA ILE B 162 15.85 -33.22 -1.85
C ILE B 162 16.28 -33.41 -0.41
N HIS B 163 16.58 -34.65 -0.03
CA HIS B 163 16.90 -34.99 1.36
C HIS B 163 18.05 -34.16 1.93
N ALA B 164 19.10 -34.02 1.15
CA ALA B 164 20.26 -33.28 1.60
C ALA B 164 19.97 -31.83 2.01
N ASP B 165 19.03 -31.18 1.35
CA ASP B 165 18.79 -29.77 1.67
C ASP B 165 18.09 -29.58 3.00
N TRP B 166 17.49 -30.63 3.54
CA TRP B 166 16.80 -30.47 4.83
C TRP B 166 17.50 -31.26 5.96
N HIS B 167 18.68 -31.79 5.66
CA HIS B 167 19.37 -32.65 6.61
C HIS B 167 20.36 -31.90 7.51
N GLN B 168 21.46 -31.39 6.95
CA GLN B 168 22.44 -30.71 7.81
C GLN B 168 22.88 -29.34 7.27
N LYS B 169 21.95 -28.62 6.62
CA LYS B 169 22.28 -27.31 6.06
C LYS B 169 21.54 -26.24 6.84
N THR B 170 22.06 -25.00 6.85
CA THR B 170 21.31 -23.89 7.40
C THR B 170 20.41 -23.36 6.28
N GLN B 171 19.08 -23.49 6.44
CA GLN B 171 18.10 -23.00 5.45
C GLN B 171 17.09 -22.09 6.16
N GLY B 172 16.48 -21.16 5.41
CA GLY B 172 15.50 -20.25 5.94
C GLY B 172 14.09 -20.48 5.44
N ILE B 173 13.10 -20.20 6.29
CA ILE B 173 11.72 -20.41 5.96
C ILE B 173 10.88 -19.19 6.40
N TRP B 174 9.99 -18.71 5.54
CA TRP B 174 8.99 -17.71 5.98
C TRP B 174 7.63 -18.38 5.88
N LEU B 175 6.83 -18.32 6.96
CA LEU B 175 5.49 -18.94 6.97
C LEU B 175 4.41 -17.88 7.00
N SER B 176 3.58 -17.80 5.96
CA SER B 176 2.44 -16.90 6.00
C SER B 176 1.48 -17.35 7.14
N PRO B 177 0.58 -16.45 7.55
CA PRO B 177 -0.55 -16.78 8.45
C PRO B 177 -1.44 -17.67 7.63
N LEU B 178 -2.41 -18.29 8.29
CA LEU B 178 -3.46 -19.04 7.63
C LEU B 178 -4.39 -17.96 7.07
N TYR B 179 -4.47 -17.88 5.75
CA TYR B 179 -5.30 -16.88 5.13
C TYR B 179 -6.71 -17.47 4.95
N PRO B 180 -7.74 -16.84 5.53
CA PRO B 180 -9.09 -17.40 5.41
C PRO B 180 -9.67 -17.07 4.07
N ARG B 181 -10.66 -17.85 3.68
CA ARG B 181 -11.39 -17.59 2.45
C ARG B 181 -12.25 -16.32 2.59
N ILE B 182 -12.37 -15.53 1.53
CA ILE B 182 -13.24 -14.36 1.62
C ILE B 182 -14.68 -14.83 1.44
N ALA B 183 -15.57 -14.27 2.26
CA ALA B 183 -16.99 -14.65 2.29
C ALA B 183 -17.84 -14.54 1.03
N ASP B 184 -19.08 -14.96 1.22
CA ASP B 184 -20.12 -14.90 0.22
C ASP B 184 -20.45 -13.46 -0.08
N GLY B 185 -20.41 -13.14 -1.37
CA GLY B 185 -20.71 -11.80 -1.86
C GLY B 185 -20.33 -10.70 -0.89
N THR B 186 -19.08 -10.75 -0.44
CA THR B 186 -18.53 -9.68 0.37
C THR B 186 -17.71 -8.92 -0.66
N HIS B 187 -17.35 -7.69 -0.33
CA HIS B 187 -16.62 -6.85 -1.28
C HIS B 187 -15.35 -6.46 -0.56
N LYS B 188 -14.38 -7.36 -0.55
CA LYS B 188 -13.14 -7.14 0.12
C LYS B 188 -12.02 -7.48 -0.84
N SER B 189 -10.99 -6.65 -0.85
CA SER B 189 -9.84 -6.89 -1.66
C SER B 189 -9.07 -8.09 -1.11
N GLY B 190 -9.08 -8.26 0.22
CA GLY B 190 -8.21 -9.25 0.85
C GLY B 190 -6.73 -8.81 0.78
N GLU B 191 -6.50 -7.51 0.55
CA GLU B 191 -5.12 -7.01 0.36
C GLU B 191 -4.47 -6.49 1.65
N SER B 192 -3.15 -6.57 1.75
CA SER B 192 -2.45 -6.05 2.93
C SER B 192 -1.80 -4.72 2.58
N PRO B 193 -1.44 -3.92 3.58
CA PRO B 193 -0.72 -2.66 3.33
C PRO B 193 0.59 -2.86 2.56
N THR B 194 1.17 -4.06 2.57
CA THR B 194 2.43 -4.29 1.83
C THR B 194 2.13 -4.73 0.38
N HIS B 195 0.85 -4.88 0.04
CA HIS B 195 0.39 -5.28 -1.29
C HIS B 195 0.82 -6.68 -1.71
N PHE B 196 1.08 -7.52 -0.72
CA PHE B 196 1.55 -8.87 -0.97
C PHE B 196 0.64 -9.65 -1.91
N LYS B 197 -0.68 -9.48 -1.76
CA LYS B 197 -1.63 -10.25 -2.56
C LYS B 197 -1.50 -9.96 -4.05
N ALA B 198 -1.59 -8.69 -4.41
CA ALA B 198 -1.38 -8.27 -5.81
C ALA B 198 0.04 -8.63 -6.28
N ASN B 199 1.05 -8.42 -5.43
CA ASN B 199 2.44 -8.71 -5.81
C ASN B 199 2.66 -10.20 -6.11
N LEU B 200 2.02 -11.06 -5.30
CA LEU B 200 2.16 -12.50 -5.50
C LEU B 200 1.43 -12.92 -6.79
N ILE B 201 0.25 -12.36 -6.97
CA ILE B 201 -0.51 -12.65 -8.17
C ILE B 201 0.30 -12.20 -9.41
N SER B 202 0.91 -11.01 -9.36
CA SER B 202 1.72 -10.52 -10.48
C SER B 202 2.87 -11.48 -10.72
N TYR B 203 3.55 -11.87 -9.66
CA TYR B 203 4.64 -12.85 -9.81
C TYR B 203 4.14 -14.09 -10.59
N LEU B 204 3.02 -14.67 -10.20
CA LEU B 204 2.54 -15.88 -10.85
C LEU B 204 2.06 -15.60 -12.26
N THR B 205 1.47 -14.43 -12.45
CA THR B 205 0.98 -14.08 -13.77
C THR B 205 2.10 -14.11 -14.81
N ALA B 206 3.30 -13.72 -14.40
CA ALA B 206 4.43 -13.71 -15.33
C ALA B 206 4.82 -15.08 -15.91
N TYR B 207 4.36 -16.18 -15.30
CA TYR B 207 4.66 -17.49 -15.85
C TYR B 207 3.79 -17.74 -17.08
N ASN B 208 2.66 -17.06 -17.17
CA ASN B 208 1.74 -17.26 -18.27
C ASN B 208 1.35 -18.75 -18.43
N ALA B 209 1.03 -19.41 -17.32
CA ALA B 209 0.78 -20.86 -17.30
C ALA B 209 -0.62 -21.24 -16.78
N PRO B 210 -1.31 -22.07 -17.54
CA PRO B 210 -2.66 -22.49 -17.20
C PRO B 210 -2.75 -23.05 -15.80
N SER B 211 -1.80 -23.89 -15.42
CA SER B 211 -1.86 -24.51 -14.10
C SER B 211 -1.69 -23.46 -13.02
N LEU B 212 -1.03 -22.36 -13.34
CA LEU B 212 -0.86 -21.36 -12.29
C LEU B 212 -2.05 -20.41 -12.23
N LYS B 213 -2.80 -20.30 -13.31
CA LYS B 213 -3.96 -19.42 -13.35
C LYS B 213 -4.93 -19.97 -12.32
N GLU B 214 -4.95 -21.28 -12.19
CA GLU B 214 -5.79 -21.91 -11.17
C GLU B 214 -5.40 -21.44 -9.76
N TRP B 215 -4.10 -21.35 -9.50
CA TRP B 215 -3.61 -20.91 -8.19
C TRP B 215 -3.87 -19.43 -7.93
N ILE B 216 -3.80 -18.63 -9.00
CA ILE B 216 -4.12 -17.23 -8.92
C ILE B 216 -5.59 -17.05 -8.48
N ASP B 217 -6.47 -17.84 -9.07
CA ASP B 217 -7.89 -17.72 -8.76
C ASP B 217 -8.09 -18.18 -7.31
N VAL B 218 -7.28 -19.13 -6.86
CA VAL B 218 -7.37 -19.53 -5.47
C VAL B 218 -6.95 -18.34 -4.59
N ILE B 219 -5.80 -17.74 -4.89
CA ILE B 219 -5.33 -16.61 -4.12
C ILE B 219 -6.37 -15.46 -4.13
N HIS B 220 -6.97 -15.19 -5.28
CA HIS B 220 -7.97 -14.11 -5.36
C HIS B 220 -9.08 -14.28 -4.32
N LYS B 221 -9.41 -15.54 -4.03
CA LYS B 221 -10.50 -15.90 -3.11
C LYS B 221 -10.14 -15.84 -1.65
N HIS B 222 -8.87 -15.62 -1.33
CA HIS B 222 -8.49 -15.59 0.07
C HIS B 222 -8.14 -14.19 0.57
N ASP B 223 -8.20 -14.03 1.88
CA ASP B 223 -7.89 -12.80 2.55
C ASP B 223 -6.43 -12.80 3.01
N LEU B 224 -5.57 -12.08 2.32
CA LEU B 224 -4.16 -12.02 2.72
C LEU B 224 -3.79 -10.74 3.47
N SER B 225 -4.82 -10.02 3.95
CA SER B 225 -4.60 -8.70 4.54
C SER B 225 -3.65 -8.68 5.72
N GLU B 226 -3.47 -9.77 6.44
CA GLU B 226 -2.58 -9.75 7.62
C GLU B 226 -1.09 -9.81 7.26
N THR B 227 -0.78 -10.04 6.00
CA THR B 227 0.61 -10.16 5.62
C THR B 227 1.41 -8.94 5.98
N ASN B 228 2.52 -9.10 6.71
CA ASN B 228 3.33 -7.93 7.10
C ASN B 228 4.73 -7.90 6.46
N VAL B 229 4.92 -8.68 5.41
CA VAL B 229 6.22 -8.65 4.71
C VAL B 229 5.98 -8.20 3.27
N TYR B 230 7.05 -7.78 2.59
CA TYR B 230 6.96 -7.40 1.19
C TYR B 230 7.57 -8.45 0.29
N LEU B 231 6.87 -8.81 -0.80
CA LEU B 231 7.36 -9.80 -1.76
C LEU B 231 8.47 -9.23 -2.69
N ILE B 232 9.60 -9.90 -2.80
CA ILE B 232 10.62 -9.47 -3.75
C ILE B 232 10.90 -10.59 -4.74
N GLY B 233 10.40 -10.46 -5.95
CA GLY B 233 10.60 -11.52 -6.92
C GLY B 233 11.53 -11.13 -8.09
N SER B 234 12.04 -12.16 -8.78
CA SER B 234 12.80 -12.05 -10.02
C SER B 234 12.04 -12.97 -10.94
N THR B 235 11.86 -12.52 -12.17
CA THR B 235 11.23 -13.28 -13.21
C THR B 235 12.02 -12.89 -14.49
N PRO B 236 12.17 -13.82 -15.42
CA PRO B 236 13.00 -13.58 -16.59
C PRO B 236 12.33 -12.58 -17.51
N GLY B 237 13.15 -11.62 -17.95
CA GLY B 237 12.73 -10.60 -18.89
C GLY B 237 13.66 -9.41 -19.01
N ARG B 238 13.22 -8.44 -19.81
CA ARG B 238 13.89 -7.16 -20.01
C ARG B 238 12.86 -6.11 -19.64
N PHE B 239 13.10 -5.43 -18.53
CA PHE B 239 12.14 -4.49 -18.00
C PHE B 239 12.57 -3.04 -18.13
N GLN B 240 11.65 -2.22 -18.64
CA GLN B 240 11.91 -0.80 -18.93
C GLN B 240 10.83 0.06 -18.31
N GLY B 241 11.12 1.35 -18.21
CA GLY B 241 10.17 2.34 -17.71
C GLY B 241 9.67 1.97 -16.32
N SER B 242 8.37 1.83 -16.18
CA SER B 242 7.80 1.58 -14.87
C SER B 242 8.05 0.15 -14.41
N GLN B 243 8.12 -0.76 -15.38
CA GLN B 243 8.31 -2.18 -15.13
C GLN B 243 9.66 -2.47 -14.51
N LYS B 244 10.59 -1.54 -14.67
CA LYS B 244 11.92 -1.68 -14.15
C LYS B 244 11.93 -1.87 -12.64
N ASP B 245 10.99 -1.25 -11.94
CA ASP B 245 10.92 -1.41 -10.50
C ASP B 245 10.12 -2.62 -10.02
N ASN B 246 9.61 -3.45 -10.93
CA ASN B 246 8.80 -4.60 -10.54
C ASN B 246 9.61 -5.77 -9.95
N TRP B 247 10.87 -5.90 -10.38
CA TRP B 247 11.64 -7.09 -10.08
C TRP B 247 13.11 -6.86 -9.71
N GLY B 248 13.74 -7.92 -9.20
CA GLY B 248 15.16 -7.89 -8.87
C GLY B 248 15.62 -6.81 -7.94
N HIS B 249 16.83 -6.30 -8.21
CA HIS B 249 17.36 -5.36 -7.25
C HIS B 249 16.69 -4.01 -7.29
N PHE B 250 16.11 -3.66 -8.45
CA PHE B 250 15.33 -2.43 -8.54
C PHE B 250 14.04 -2.52 -7.72
N ARG B 251 13.46 -3.71 -7.64
CA ARG B 251 12.29 -3.91 -6.79
C ARG B 251 12.70 -3.58 -5.36
N LEU B 252 13.81 -4.16 -4.91
CA LEU B 252 14.33 -3.87 -3.54
C LEU B 252 14.56 -2.37 -3.34
N LYS B 253 15.21 -1.75 -4.31
CA LYS B 253 15.50 -0.33 -4.23
C LYS B 253 14.22 0.48 -4.03
N LYS B 254 13.20 0.16 -4.82
CA LYS B 254 11.93 0.90 -4.77
C LYS B 254 11.29 0.81 -3.40
N LEU B 255 11.30 -0.39 -2.82
CA LEU B 255 10.69 -0.61 -1.52
C LEU B 255 11.47 0.14 -0.44
N LEU B 256 12.79 0.13 -0.53
CA LEU B 256 13.64 0.79 0.46
C LEU B 256 13.49 2.31 0.37
N LYS B 257 13.33 2.78 -0.86
CA LYS B 257 13.14 4.18 -1.09
C LYS B 257 11.76 4.61 -0.54
N ASP B 258 10.74 3.78 -0.74
CA ASP B 258 9.38 4.15 -0.32
C ASP B 258 8.99 3.89 1.15
N HIS B 259 9.55 2.84 1.77
CA HIS B 259 9.07 2.40 3.09
C HIS B 259 10.13 2.26 4.19
N ALA B 260 11.31 2.75 3.90
CA ALA B 260 12.40 2.80 4.85
C ALA B 260 12.80 4.28 4.95
N SER B 261 13.36 4.67 6.08
CA SER B 261 13.74 6.07 6.26
C SER B 261 15.23 6.14 6.43
N SER B 262 15.86 7.19 5.93
CA SER B 262 17.30 7.33 6.09
C SER B 262 17.53 7.95 7.45
N MET B 263 18.75 7.89 7.95
CA MET B 263 18.91 8.37 9.31
C MET B 263 20.22 9.08 9.38
N PRO B 264 20.62 9.61 10.52
CA PRO B 264 21.97 10.17 10.51
C PRO B 264 22.96 9.01 10.60
N ASN B 265 24.16 9.37 10.19
CA ASN B 265 25.26 8.48 9.82
C ASN B 265 24.93 7.18 9.06
N ALA B 266 23.97 7.28 8.13
CA ALA B 266 23.54 6.19 7.24
C ALA B 266 24.74 5.64 6.44
N GLU B 267 25.66 6.54 6.08
CA GLU B 267 26.91 6.19 5.40
C GLU B 267 27.74 5.15 6.17
N SER B 268 27.61 5.11 7.50
CA SER B 268 28.24 4.03 8.28
C SER B 268 27.42 2.74 8.55
N TRP B 269 26.16 2.66 8.13
CA TRP B 269 25.42 1.40 8.29
C TRP B 269 25.89 0.43 7.18
N PRO B 270 26.56 -0.65 7.54
CA PRO B 270 27.06 -1.57 6.51
C PRO B 270 25.92 -2.27 5.76
N VAL B 271 26.28 -2.91 4.65
CA VAL B 271 25.40 -3.79 3.91
C VAL B 271 26.02 -5.16 4.08
N VAL B 272 25.17 -6.14 4.39
CA VAL B 272 25.60 -7.53 4.50
C VAL B 272 24.83 -8.37 3.51
N GLY B 273 25.54 -9.19 2.74
CA GLY B 273 24.92 -10.12 1.81
C GLY B 273 25.48 -11.50 2.15
N GLN B 274 24.67 -12.53 2.05
CA GLN B 274 25.05 -13.87 2.54
C GLN B 274 24.36 -14.85 1.61
N PHE B 275 25.13 -15.79 1.05
CA PHE B 275 24.62 -16.60 -0.06
C PHE B 275 25.41 -17.87 -0.24
N SER B 276 24.97 -18.69 -1.17
CA SER B 276 25.65 -19.99 -1.32
C SER B 276 26.15 -20.21 -2.71
N SER B 277 26.06 -19.19 -3.55
CA SER B 277 26.54 -19.34 -4.92
C SER B 277 26.93 -17.99 -5.47
N VAL B 278 27.91 -17.96 -6.36
CA VAL B 278 28.42 -16.68 -6.87
C VAL B 278 28.48 -16.73 -8.39
N GLY B 279 27.94 -15.73 -9.08
CA GLY B 279 28.01 -15.70 -10.54
C GLY B 279 29.20 -14.84 -11.02
N SER B 280 29.43 -14.71 -12.32
CA SER B 280 30.49 -13.77 -12.78
C SER B 280 29.95 -12.36 -12.72
N LEU B 281 30.59 -11.56 -11.90
CA LEU B 281 30.16 -10.22 -11.62
C LEU B 281 30.97 -9.17 -12.37
N GLY B 282 32.03 -9.58 -13.03
CA GLY B 282 32.79 -8.63 -13.84
C GLY B 282 34.25 -8.53 -13.47
N ALA B 283 34.99 -7.82 -14.31
CA ALA B 283 36.43 -7.74 -14.15
C ALA B 283 36.83 -6.91 -12.94
N ASP B 284 35.93 -6.09 -12.42
CA ASP B 284 36.19 -5.35 -11.18
C ASP B 284 34.88 -5.00 -10.48
N GLU B 285 34.97 -4.51 -9.26
CA GLU B 285 33.80 -4.17 -8.44
C GLU B 285 32.90 -3.08 -9.01
N SER B 286 33.41 -2.25 -9.90
CA SER B 286 32.63 -1.14 -10.42
C SER B 286 31.69 -1.56 -11.56
N LYS B 287 31.89 -2.77 -12.07
CA LYS B 287 31.06 -3.27 -13.18
C LYS B 287 29.60 -3.64 -12.76
N TRP B 288 29.39 -4.10 -11.52
CA TRP B 288 28.04 -4.45 -11.11
C TRP B 288 27.92 -4.41 -9.60
N LEU B 289 28.83 -5.10 -8.93
CA LEU B 289 28.67 -5.27 -7.50
C LEU B 289 28.51 -3.94 -6.80
N CYS B 290 29.54 -3.12 -6.92
CA CYS B 290 29.57 -1.84 -6.24
C CYS B 290 28.83 -0.73 -6.96
N SER B 291 28.50 -0.92 -8.24
CA SER B 291 27.78 0.14 -8.96
C SER B 291 26.27 -0.02 -8.90
N GLU B 292 25.71 -1.09 -9.43
CA GLU B 292 24.24 -1.15 -9.37
C GLU B 292 23.68 -1.95 -8.18
N PHE B 293 24.27 -3.10 -7.86
CA PHE B 293 23.84 -3.92 -6.72
C PHE B 293 23.91 -3.21 -5.36
N LYS B 294 25.11 -2.80 -4.95
CA LYS B 294 25.22 -2.12 -3.67
C LYS B 294 24.41 -0.81 -3.66
N GLU B 295 24.36 -0.10 -4.78
CA GLU B 295 23.58 1.13 -4.84
C GLU B 295 22.12 0.86 -4.44
N SER B 296 21.56 -0.21 -4.99
CA SER B 296 20.20 -0.59 -4.67
C SER B 296 20.12 -0.96 -3.20
N MET B 297 21.05 -1.77 -2.69
CA MET B 297 21.03 -2.19 -1.30
C MET B 297 21.28 -1.09 -0.25
N LEU B 298 21.93 0.01 -0.63
CA LEU B 298 22.17 1.04 0.38
C LEU B 298 21.10 2.12 0.35
N THR B 299 20.16 2.00 -0.55
CA THR B 299 19.05 2.94 -0.59
C THR B 299 18.24 2.95 0.72
N LEU B 300 17.89 4.14 1.17
CA LEU B 300 17.03 4.31 2.35
C LEU B 300 16.27 5.61 2.18
N GLY B 301 14.95 5.53 2.06
CA GLY B 301 14.13 6.73 1.91
C GLY B 301 14.48 7.57 0.67
N SER B 311 30.97 5.04 0.24
CA SER B 311 31.81 4.60 1.42
C SER B 311 31.13 3.60 2.38
N VAL B 312 29.91 3.17 2.05
CA VAL B 312 29.25 2.17 2.88
C VAL B 312 30.02 0.86 2.74
N PRO B 313 30.35 0.26 3.85
CA PRO B 313 31.07 -1.02 3.84
C PRO B 313 30.14 -2.16 3.42
N LEU B 314 30.68 -3.04 2.58
CA LEU B 314 29.96 -4.22 2.12
C LEU B 314 30.62 -5.46 2.72
N TYR B 315 29.84 -6.28 3.42
CA TYR B 315 30.31 -7.52 4.01
C TYR B 315 29.60 -8.68 3.28
N LEU B 316 30.36 -9.58 2.67
CA LEU B 316 29.77 -10.74 1.98
C LEU B 316 30.17 -12.01 2.71
N ILE B 317 29.17 -12.82 3.09
CA ILE B 317 29.42 -14.05 3.83
C ILE B 317 29.23 -15.24 2.90
N TYR B 318 30.28 -16.07 2.78
CA TYR B 318 30.31 -17.21 1.88
C TYR B 318 31.34 -18.18 2.45
N PRO B 319 30.97 -19.44 2.57
CA PRO B 319 31.84 -20.44 3.17
C PRO B 319 33.24 -20.54 2.57
N SER B 320 34.23 -20.55 3.46
CA SER B 320 35.61 -20.85 3.15
C SER B 320 35.73 -22.36 2.97
N VAL B 321 36.83 -22.76 2.35
CA VAL B 321 37.14 -24.18 2.22
C VAL B 321 37.17 -24.82 3.61
N GLU B 322 37.75 -24.11 4.59
CA GLU B 322 37.82 -24.67 5.95
C GLU B 322 36.42 -24.79 6.61
N ASN B 323 35.53 -23.84 6.34
CA ASN B 323 34.16 -23.96 6.81
C ASN B 323 33.58 -25.29 6.29
N VAL B 324 33.79 -25.55 5.00
CA VAL B 324 33.25 -26.75 4.36
C VAL B 324 33.86 -28.04 4.91
N ARG B 325 35.18 -28.04 5.01
CA ARG B 325 35.89 -29.24 5.46
C ARG B 325 35.45 -29.65 6.87
N THR B 326 35.28 -28.68 7.76
CA THR B 326 34.94 -29.05 9.11
C THR B 326 33.46 -29.14 9.36
N SER B 327 32.65 -28.97 8.31
CA SER B 327 31.20 -28.96 8.46
C SER B 327 30.62 -30.33 8.78
N LEU B 328 29.35 -30.36 9.17
CA LEU B 328 28.69 -31.62 9.53
C LEU B 328 28.75 -32.60 8.36
N GLU B 329 28.54 -32.08 7.15
CA GLU B 329 28.54 -32.93 5.96
C GLU B 329 29.93 -33.20 5.45
N GLY B 330 30.86 -32.30 5.76
CA GLY B 330 32.19 -32.42 5.25
C GLY B 330 32.19 -31.88 3.83
N TYR B 331 33.14 -32.34 3.02
CA TYR B 331 33.28 -31.83 1.65
C TYR B 331 32.00 -31.92 0.79
N PRO B 332 31.21 -32.99 0.91
CA PRO B 332 29.99 -33.09 0.11
C PRO B 332 29.11 -31.83 0.29
N ALA B 333 29.25 -31.11 1.40
CA ALA B 333 28.48 -29.86 1.53
C ALA B 333 28.80 -28.98 0.31
N GLY B 334 30.02 -29.12 -0.20
CA GLY B 334 30.45 -28.29 -1.31
C GLY B 334 29.69 -28.54 -2.59
N GLY B 335 29.01 -29.68 -2.68
CA GLY B 335 28.23 -29.94 -3.87
C GLY B 335 27.07 -28.94 -4.01
N SER B 336 26.77 -28.21 -2.94
CA SER B 336 25.65 -27.23 -2.96
C SER B 336 26.15 -25.81 -2.78
N LEU B 337 27.42 -25.60 -3.09
CA LEU B 337 28.04 -24.29 -3.07
C LEU B 337 28.77 -24.20 -4.40
N PRO B 338 28.02 -24.05 -5.49
CA PRO B 338 28.54 -24.18 -6.88
C PRO B 338 29.39 -23.08 -7.49
N TYR B 339 30.35 -22.50 -6.77
CA TYR B 339 31.24 -21.49 -7.34
C TYR B 339 32.37 -22.17 -8.14
N SER B 340 32.49 -21.91 -9.44
CA SER B 340 33.45 -22.62 -10.29
C SER B 340 34.79 -21.90 -10.37
N ILE B 341 35.87 -22.65 -10.52
CA ILE B 341 37.18 -22.01 -10.62
C ILE B 341 37.22 -21.05 -11.82
N GLN B 342 36.55 -21.45 -12.90
CA GLN B 342 36.46 -20.67 -14.12
C GLN B 342 35.89 -19.29 -13.86
N THR B 343 34.88 -19.22 -13.00
CA THR B 343 34.28 -17.94 -12.71
C THR B 343 35.19 -17.19 -11.75
N ALA B 344 35.62 -17.90 -10.72
CA ALA B 344 36.43 -17.33 -9.66
C ALA B 344 37.77 -16.71 -10.14
N GLU B 345 38.46 -17.40 -11.05
CA GLU B 345 39.76 -16.89 -11.50
C GLU B 345 39.64 -15.56 -12.24
N LYS B 346 38.46 -15.23 -12.76
CA LYS B 346 38.28 -13.93 -13.41
C LYS B 346 37.88 -12.81 -12.45
N GLN B 347 37.74 -13.10 -11.16
CA GLN B 347 37.29 -12.05 -10.26
C GLN B 347 37.86 -12.19 -8.87
N ASN B 348 39.17 -12.39 -8.80
CA ASN B 348 39.79 -12.52 -7.50
C ASN B 348 39.61 -11.30 -6.63
N TRP B 349 39.33 -10.14 -7.24
CA TRP B 349 39.06 -8.91 -6.47
C TRP B 349 37.87 -9.09 -5.48
N LEU B 350 36.92 -9.94 -5.86
CA LEU B 350 35.69 -10.12 -5.08
C LEU B 350 36.03 -10.71 -3.73
N HIS B 351 37.02 -11.58 -3.71
CA HIS B 351 37.31 -12.32 -2.52
C HIS B 351 37.76 -11.51 -1.31
N SER B 352 38.20 -10.28 -1.51
CA SER B 352 38.60 -9.45 -0.37
C SER B 352 37.35 -8.97 0.40
N TYR B 353 36.18 -9.22 -0.15
CA TYR B 353 34.94 -8.89 0.54
C TYR B 353 34.40 -10.06 1.37
N PHE B 354 35.02 -11.23 1.24
CA PHE B 354 34.44 -12.44 1.82
C PHE B 354 34.70 -12.63 3.30
N HIS B 355 33.64 -13.02 4.01
CA HIS B 355 33.68 -13.32 5.42
C HIS B 355 33.21 -14.76 5.67
N LYS B 356 33.76 -15.40 6.72
CA LYS B 356 33.49 -16.80 7.06
C LYS B 356 32.07 -17.00 7.51
N TRP B 357 31.60 -18.23 7.39
CA TRP B 357 30.30 -18.60 7.88
C TRP B 357 30.49 -18.91 9.35
N SER B 358 29.73 -18.24 10.21
CA SER B 358 29.77 -18.48 11.66
C SER B 358 28.34 -18.30 12.17
N ALA B 359 27.89 -19.21 13.01
CA ALA B 359 26.49 -19.17 13.41
C ALA B 359 26.30 -19.77 14.77
N GLU B 360 27.20 -19.41 15.68
CA GLU B 360 27.11 -19.82 17.07
C GLU B 360 25.76 -19.46 17.64
N THR B 361 25.24 -18.28 17.27
CA THR B 361 23.93 -17.84 17.74
C THR B 361 22.83 -18.87 17.53
N SER B 362 22.91 -19.64 16.45
CA SER B 362 21.88 -20.63 16.17
C SER B 362 22.45 -22.07 16.22
N GLY B 363 23.66 -22.21 16.74
CA GLY B 363 24.31 -23.50 16.87
C GLY B 363 24.58 -24.14 15.53
N ARG B 364 24.74 -23.30 14.52
CA ARG B 364 24.84 -23.82 13.14
C ARG B 364 26.14 -23.46 12.40
N SER B 365 27.19 -23.18 13.17
CA SER B 365 28.48 -22.90 12.52
C SER B 365 28.90 -24.07 11.62
N ASN B 366 28.54 -25.30 11.97
CA ASN B 366 28.95 -26.45 11.14
C ASN B 366 27.89 -26.95 10.15
N ALA B 367 26.79 -26.19 10.04
CA ALA B 367 25.70 -26.52 9.12
C ALA B 367 25.80 -25.54 7.96
N MET B 368 26.38 -25.98 6.85
CA MET B 368 26.69 -25.06 5.75
C MET B 368 25.43 -24.32 5.24
N PRO B 369 25.59 -23.04 4.92
CA PRO B 369 24.42 -22.25 4.56
C PRO B 369 23.97 -22.56 3.15
N HIS B 370 22.66 -22.75 3.00
CA HIS B 370 22.06 -22.77 1.68
C HIS B 370 21.00 -21.65 1.69
N ILE B 371 20.74 -21.09 2.86
CA ILE B 371 19.89 -19.94 3.00
C ILE B 371 20.58 -18.75 2.29
N LYS B 372 19.84 -17.73 1.88
CA LYS B 372 20.44 -16.50 1.38
C LYS B 372 19.76 -15.34 2.06
N THR B 373 20.53 -14.39 2.59
CA THR B 373 19.95 -13.25 3.27
C THR B 373 20.72 -12.00 2.92
N TYR B 374 20.01 -10.89 2.99
CA TYR B 374 20.60 -9.58 2.78
C TYR B 374 20.07 -8.68 3.90
N MET B 375 20.91 -7.80 4.45
CA MET B 375 20.46 -6.92 5.53
C MET B 375 21.31 -5.66 5.70
N ARG B 376 20.79 -4.74 6.50
CA ARG B 376 21.38 -3.42 6.73
C ARG B 376 21.54 -3.11 8.23
N PRO B 377 22.62 -3.60 8.81
CA PRO B 377 22.85 -3.43 10.24
C PRO B 377 23.38 -2.03 10.57
N SER B 378 23.19 -1.60 11.81
CA SER B 378 23.79 -0.34 12.26
C SER B 378 25.33 -0.53 12.42
N PRO B 379 26.09 0.54 12.63
CA PRO B 379 27.55 0.41 12.77
C PRO B 379 28.03 -0.57 13.84
N ASP B 380 27.32 -0.71 14.96
CA ASP B 380 27.73 -1.67 15.96
C ASP B 380 26.98 -2.99 15.89
N PHE B 381 26.26 -3.19 14.79
CA PHE B 381 25.56 -4.44 14.51
C PHE B 381 24.49 -4.81 15.50
N SER B 382 24.03 -3.84 16.29
CA SER B 382 23.00 -4.09 17.33
C SER B 382 21.58 -3.94 16.83
N LYS B 383 21.42 -3.31 15.67
CA LYS B 383 20.08 -3.23 15.10
C LYS B 383 20.13 -3.28 13.58
N ILE B 384 18.99 -3.47 12.93
CA ILE B 384 19.00 -3.46 11.47
C ILE B 384 17.87 -2.62 10.89
N ALA B 385 18.12 -2.02 9.74
CA ALA B 385 17.10 -1.23 9.09
C ALA B 385 16.11 -2.12 8.28
N TRP B 386 16.52 -3.34 8.00
CA TRP B 386 15.70 -4.29 7.25
C TRP B 386 16.43 -5.61 7.09
N PHE B 387 15.68 -6.67 6.73
CA PHE B 387 16.29 -7.97 6.56
C PHE B 387 15.52 -8.61 5.41
N LEU B 388 16.20 -9.36 4.57
CA LEU B 388 15.58 -10.06 3.44
C LEU B 388 16.02 -11.52 3.44
N VAL B 389 15.07 -12.44 3.31
CA VAL B 389 15.43 -13.82 3.11
C VAL B 389 14.90 -14.14 1.72
N THR B 390 15.73 -14.78 0.89
CA THR B 390 15.37 -15.01 -0.51
C THR B 390 16.08 -16.21 -1.10
N SER B 391 15.62 -16.64 -2.27
CA SER B 391 16.34 -17.70 -2.95
C SER B 391 17.49 -17.07 -3.77
N ALA B 392 17.57 -15.75 -3.86
CA ALA B 392 18.56 -15.12 -4.74
C ALA B 392 20.02 -15.18 -4.25
N ASN B 393 20.89 -15.84 -5.01
CA ASN B 393 22.30 -15.85 -4.68
C ASN B 393 22.98 -14.57 -5.23
N LEU B 394 24.31 -14.50 -5.12
CA LEU B 394 25.00 -13.31 -5.57
C LEU B 394 25.31 -13.42 -7.06
N SER B 395 24.33 -13.12 -7.89
CA SER B 395 24.55 -13.18 -9.32
C SER B 395 23.65 -12.22 -10.05
N LYS B 396 24.12 -11.79 -11.23
CA LYS B 396 23.38 -10.91 -12.10
C LYS B 396 22.17 -11.64 -12.63
N ALA B 397 22.28 -12.95 -12.82
CA ALA B 397 21.13 -13.72 -13.31
C ALA B 397 19.91 -13.59 -12.37
N ALA B 398 20.17 -13.70 -11.06
CA ALA B 398 19.12 -13.65 -10.02
C ALA B 398 18.65 -12.23 -9.72
N TRP B 399 19.60 -11.31 -9.63
CA TRP B 399 19.28 -9.95 -9.22
C TRP B 399 18.94 -8.98 -10.35
N GLY B 400 19.41 -9.30 -11.55
CA GLY B 400 19.18 -8.43 -12.68
C GLY B 400 20.39 -7.54 -12.98
N ALA B 401 20.58 -7.24 -14.25
CA ALA B 401 21.69 -6.36 -14.71
C ALA B 401 21.18 -5.31 -15.68
N LEU B 402 21.49 -4.04 -15.41
CA LEU B 402 21.08 -2.96 -16.31
C LEU B 402 21.70 -3.10 -17.71
N GLU B 403 20.89 -2.85 -18.72
CA GLU B 403 21.30 -2.90 -20.11
C GLU B 403 20.76 -1.64 -20.80
N LYS B 404 21.08 -1.53 -22.08
CA LYS B 404 20.65 -0.44 -22.93
C LYS B 404 20.88 0.87 -22.25
N ASN B 405 22.13 1.07 -21.84
CA ASN B 405 22.54 2.32 -21.21
C ASN B 405 21.67 2.74 -20.00
N GLY B 406 21.46 1.80 -19.06
CA GLY B 406 20.71 2.06 -17.83
C GLY B 406 19.20 2.15 -17.89
N THR B 407 18.59 1.79 -19.01
CA THR B 407 17.14 1.93 -19.12
C THR B 407 16.39 0.62 -19.03
N GLN B 408 17.14 -0.47 -18.99
CA GLN B 408 16.51 -1.76 -19.02
C GLN B 408 17.20 -2.69 -18.02
N LEU B 409 16.41 -3.32 -17.18
CA LEU B 409 16.94 -4.31 -16.26
C LEU B 409 16.64 -5.69 -16.82
N MET B 410 17.71 -6.46 -17.06
CA MET B 410 17.60 -7.81 -17.59
C MET B 410 17.84 -8.89 -16.53
N ILE B 411 16.84 -9.75 -16.35
CA ILE B 411 16.91 -10.82 -15.36
C ILE B 411 16.80 -12.12 -16.14
N ARG B 412 17.59 -13.13 -15.78
CA ARG B 412 17.51 -14.41 -16.47
C ARG B 412 16.64 -15.47 -15.74
N SER B 413 16.45 -15.28 -14.45
CA SER B 413 15.86 -16.31 -13.61
C SER B 413 14.64 -15.93 -12.80
N TYR B 414 13.96 -16.95 -12.27
CA TYR B 414 12.88 -16.77 -11.31
C TYR B 414 13.50 -16.91 -9.93
N GLU B 415 13.24 -15.95 -9.06
CA GLU B 415 13.69 -15.96 -7.68
C GLU B 415 12.56 -15.39 -6.83
N LEU B 416 12.63 -15.59 -5.52
CA LEU B 416 11.58 -15.07 -4.63
C LEU B 416 12.07 -14.98 -3.21
N GLY B 417 11.78 -13.84 -2.58
CA GLY B 417 12.14 -13.65 -1.18
C GLY B 417 11.12 -12.81 -0.44
N VAL B 418 11.32 -12.65 0.86
CA VAL B 418 10.48 -11.73 1.59
C VAL B 418 11.28 -10.72 2.41
N LEU B 419 10.85 -9.46 2.30
CA LEU B 419 11.53 -8.37 2.98
C LEU B 419 10.79 -7.95 4.24
N PHE B 420 11.52 -7.91 5.35
CA PHE B 420 11.04 -7.48 6.64
C PHE B 420 11.47 -6.04 6.85
N LEU B 421 10.50 -5.13 6.85
CA LEU B 421 10.79 -3.71 7.08
C LEU B 421 10.19 -3.23 8.40
N PRO B 422 10.97 -2.53 9.21
CA PRO B 422 10.46 -2.02 10.49
C PRO B 422 9.10 -1.28 10.34
N SER B 423 8.97 -0.51 9.27
CA SER B 423 7.78 0.30 9.06
C SER B 423 6.53 -0.57 8.94
N ALA B 424 6.70 -1.83 8.52
CA ALA B 424 5.54 -2.69 8.36
C ALA B 424 5.01 -3.11 9.72
N LEU B 425 5.82 -2.96 10.76
CA LEU B 425 5.37 -3.25 12.12
C LEU B 425 5.22 -1.96 12.94
N GLY B 426 5.31 -0.82 12.28
CA GLY B 426 5.23 0.45 12.98
C GLY B 426 6.53 0.84 13.69
N LEU B 427 7.65 0.21 13.31
CA LEU B 427 8.94 0.51 13.93
C LEU B 427 9.86 1.27 13.01
N ASP B 428 10.98 1.72 13.56
CA ASP B 428 12.01 2.41 12.78
C ASP B 428 13.23 1.53 12.50
N SER B 429 13.44 0.54 13.36
CA SER B 429 14.53 -0.42 13.19
C SER B 429 14.19 -1.65 14.00
N PHE B 430 14.87 -2.77 13.75
CA PHE B 430 14.69 -3.96 14.58
C PHE B 430 15.96 -4.12 15.42
N LYS B 431 15.79 -4.46 16.69
CA LYS B 431 16.93 -4.79 17.52
C LYS B 431 17.31 -6.19 17.08
N VAL B 432 18.60 -6.49 17.06
CA VAL B 432 19.03 -7.80 16.65
C VAL B 432 18.94 -8.75 17.83
N LYS B 433 18.28 -9.89 17.64
CA LYS B 433 18.18 -10.87 18.70
C LYS B 433 19.55 -11.48 18.99
N GLN B 434 19.93 -11.48 20.26
CA GLN B 434 21.25 -11.93 20.72
C GLN B 434 21.52 -13.41 20.47
N LYS B 435 20.52 -14.23 20.74
CA LYS B 435 20.61 -15.66 20.55
C LYS B 435 19.37 -16.03 19.74
N PHE B 436 19.61 -16.57 18.55
CA PHE B 436 18.51 -16.94 17.67
C PHE B 436 17.36 -17.57 18.45
N MET B 444 10.19 -9.92 21.57
CA MET B 444 9.00 -9.72 20.70
C MET B 444 9.43 -9.24 19.32
N ALA B 445 9.71 -7.95 19.20
CA ALA B 445 10.18 -7.37 17.95
C ALA B 445 11.72 -7.32 17.78
N THR B 446 12.44 -8.32 18.27
CA THR B 446 13.86 -8.34 17.98
C THR B 446 14.04 -9.37 16.87
N PHE B 447 14.66 -8.98 15.78
CA PHE B 447 14.81 -9.90 14.66
C PHE B 447 15.81 -11.02 14.89
N PRO B 448 15.42 -12.23 14.56
CA PRO B 448 16.34 -13.37 14.70
C PRO B 448 17.34 -13.53 13.53
N VAL B 449 18.47 -12.82 13.58
CA VAL B 449 19.55 -12.98 12.59
C VAL B 449 20.16 -14.33 12.88
N PRO B 450 20.13 -15.24 11.88
CA PRO B 450 20.56 -16.63 12.09
C PRO B 450 22.07 -16.87 12.17
N TYR B 451 22.89 -15.85 11.91
CA TYR B 451 24.35 -16.03 12.00
C TYR B 451 24.97 -14.93 12.85
N ASP B 452 26.24 -15.11 13.17
CA ASP B 452 26.92 -14.22 14.08
C ASP B 452 27.32 -12.87 13.48
N LEU B 453 27.24 -11.84 14.32
CA LEU B 453 27.67 -10.50 13.96
C LEU B 453 28.72 -10.09 15.01
N PRO B 454 29.73 -9.33 14.62
CA PRO B 454 29.94 -8.90 13.22
C PRO B 454 30.50 -10.07 12.41
N PRO B 455 30.42 -10.02 11.09
CA PRO B 455 30.96 -11.11 10.28
C PRO B 455 32.48 -11.07 10.40
N GLU B 456 33.11 -12.23 10.29
CA GLU B 456 34.54 -12.34 10.41
C GLU B 456 35.23 -12.47 9.05
N LEU B 457 36.13 -11.56 8.74
CA LEU B 457 36.85 -11.58 7.49
C LEU B 457 37.63 -12.89 7.32
N TYR B 458 37.76 -13.38 6.08
CA TYR B 458 38.59 -14.55 5.85
C TYR B 458 40.01 -14.29 6.40
N GLY B 459 40.69 -15.33 6.84
CA GLY B 459 42.07 -15.19 7.28
C GLY B 459 42.96 -15.18 6.04
N SER B 460 44.24 -14.88 6.21
CA SER B 460 45.13 -14.81 5.05
C SER B 460 45.29 -16.18 4.38
N LYS B 461 45.07 -17.27 5.11
CA LYS B 461 45.20 -18.60 4.50
C LYS B 461 43.86 -19.14 3.95
N ASP B 462 42.77 -18.43 4.27
CA ASP B 462 41.46 -18.87 3.82
C ASP B 462 41.23 -18.64 2.35
N ARG B 463 40.38 -19.48 1.78
CA ARG B 463 39.97 -19.37 0.39
C ARG B 463 38.48 -19.68 0.29
N PRO B 464 37.81 -19.06 -0.65
CA PRO B 464 36.38 -19.32 -0.85
C PRO B 464 36.21 -20.75 -1.30
N TRP B 465 35.10 -21.40 -0.91
CA TRP B 465 34.84 -22.72 -1.44
C TRP B 465 34.63 -22.62 -2.96
N ILE B 466 35.42 -23.38 -3.71
CA ILE B 466 35.31 -23.46 -5.17
C ILE B 466 35.08 -24.95 -5.43
N TRP B 467 33.96 -25.30 -6.03
CA TRP B 467 33.58 -26.70 -6.03
C TRP B 467 34.26 -27.64 -7.00
N ASN B 468 34.85 -27.11 -8.06
CA ASN B 468 35.44 -28.00 -9.04
C ASN B 468 36.95 -28.03 -9.06
N ILE B 469 37.59 -27.84 -7.91
CA ILE B 469 39.02 -28.08 -7.78
C ILE B 469 39.24 -29.02 -6.62
N PRO B 470 40.40 -29.65 -6.55
CA PRO B 470 40.66 -30.65 -5.52
C PRO B 470 41.06 -30.07 -4.17
N TYR B 471 40.66 -30.76 -3.13
CA TYR B 471 41.07 -30.43 -1.78
C TYR B 471 41.62 -31.70 -1.20
N VAL B 472 42.94 -31.80 -1.17
CA VAL B 472 43.58 -33.02 -0.67
C VAL B 472 44.62 -32.78 0.40
N LYS B 473 44.66 -31.60 1.00
CA LYS B 473 45.68 -31.39 2.02
C LYS B 473 45.22 -31.84 3.40
N ALA B 474 43.90 -31.78 3.63
CA ALA B 474 43.36 -32.17 4.92
C ALA B 474 41.98 -32.82 4.72
N PRO B 475 41.71 -33.85 5.51
CA PRO B 475 40.48 -34.63 5.36
C PRO B 475 39.27 -34.01 6.06
N ASP B 476 38.10 -34.39 5.61
CA ASP B 476 36.92 -33.79 6.16
C ASP B 476 36.44 -34.55 7.38
N THR B 477 35.31 -34.10 7.92
CA THR B 477 34.70 -34.70 9.10
C THR B 477 34.37 -36.18 8.99
N HIS B 478 34.34 -36.69 7.78
CA HIS B 478 34.11 -38.13 7.61
C HIS B 478 35.38 -38.86 7.14
N GLY B 479 36.53 -38.20 7.21
CA GLY B 479 37.79 -38.79 6.79
C GLY B 479 38.05 -38.77 5.29
N ASN B 480 37.27 -38.00 4.55
CA ASN B 480 37.42 -37.91 3.11
C ASN B 480 38.09 -36.63 2.57
N MET B 481 38.61 -36.73 1.33
CA MET B 481 39.23 -35.64 0.59
C MET B 481 38.27 -35.32 -0.54
N TRP B 482 38.59 -34.29 -1.33
CA TRP B 482 37.68 -33.86 -2.40
C TRP B 482 38.39 -33.80 -3.73
N VAL B 483 37.93 -34.61 -4.68
CA VAL B 483 38.56 -34.68 -5.98
C VAL B 483 37.50 -34.78 -7.02
N PRO B 484 37.10 -33.63 -7.54
CA PRO B 484 36.05 -33.57 -8.54
C PRO B 484 36.51 -34.17 -9.85
N SER B 485 35.57 -34.56 -10.69
CA SER B 485 35.90 -35.12 -12.02
C SER B 485 35.35 -36.54 -12.16
#